data_5ZMA
#
_entry.id   5ZMA
#
_cell.length_a   143.985
_cell.length_b   49.497
_cell.length_c   144.957
_cell.angle_alpha   90.000
_cell.angle_beta   101.210
_cell.angle_gamma   90.000
#
_symmetry.space_group_name_H-M   'I 1 2 1'
#
loop_
_entity.id
_entity.type
_entity.pdbx_description
1 polymer 'Eyes absent homolog 2'
2 non-polymer "3-fluoro-N'-[(E)-{5-[(pyrimidin-2-yl)sulfanyl]furan-2-yl}methylidene]benzohydrazide"
#
_entity_poly.entity_id   1
_entity_poly.type   'polypeptide(L)'
_entity_poly.pdbx_seq_one_letter_code
;GPLGSPEFSKRSSDPSPAGDNEIERVFVWDLDETIIIFHSLLTGTFASRYGKDTTTSVRIGLMMEEMIFNLADTHLFFND
LEDCDQIHVDDVSSDDNGQDLSTYNFSADGFHSSAPGANLCLGSGVHGGVDWMRKLAFRYRRVKEMYNTYKNNVGGLIGT
PKRETWLQLRAELEALTDLWLTHSLKALNLINSRPNCVNVLVTTTQLIPALAKVLLYGLGSVFPIENIYSATKTGKESCF
ERIMQRFGRKAVYVVIGDGVEEEQGAKKHNMPFWRISCHADLEALRHALELEYL
;
_entity_poly.pdbx_strand_id   B,A,C
#
loop_
_chem_comp.id
_chem_comp.type
_chem_comp.name
_chem_comp.formula
9FX non-polymer 3-fluoro-N'-[(E)-{5-[(pyrimidin-2-yl)sulfanyl]furan-2-yl}methylidene]benzohydrazide 'C16 H11 F N4 O2 S'
#
# COMPACT_ATOMS: atom_id res chain seq x y z
N ASP A 20 0.66 22.04 -23.08
CA ASP A 20 1.23 23.10 -23.90
C ASP A 20 0.28 24.29 -24.01
N ASN A 21 -0.70 24.17 -24.90
CA ASN A 21 -1.73 25.21 -25.02
C ASN A 21 -2.66 25.20 -23.81
N GLU A 22 -2.95 24.01 -23.28
CA GLU A 22 -3.77 23.87 -22.08
C GLU A 22 -2.95 23.19 -21.00
N ILE A 23 -3.61 22.88 -19.87
CA ILE A 23 -2.95 22.26 -18.73
C ILE A 23 -2.95 20.75 -18.97
N GLU A 24 -1.81 20.23 -19.44
CA GLU A 24 -1.68 18.79 -19.63
C GLU A 24 -1.69 18.05 -18.29
N ARG A 25 -0.99 18.60 -17.29
CA ARG A 25 -0.95 18.01 -15.97
C ARG A 25 -1.28 19.08 -14.92
N VAL A 26 -1.97 18.65 -13.87
CA VAL A 26 -2.37 19.55 -12.77
C VAL A 26 -1.93 18.92 -11.46
N PHE A 27 -1.25 19.72 -10.63
CA PHE A 27 -0.72 19.26 -9.36
C PHE A 27 -1.52 19.87 -8.22
N VAL A 28 -1.96 19.03 -7.29
CA VAL A 28 -2.71 19.46 -6.12
C VAL A 28 -1.79 19.32 -4.91
N TRP A 29 -1.57 20.44 -4.21
CA TRP A 29 -0.69 20.48 -3.06
C TRP A 29 -1.51 20.58 -1.78
N ASP A 30 -1.11 19.82 -0.76
CA ASP A 30 -1.65 19.91 0.59
C ASP A 30 -0.50 20.26 1.51
N LEU A 31 -0.15 21.54 1.55
CA LEU A 31 1.00 22.02 2.31
C LEU A 31 0.71 22.17 3.79
N ASP A 32 -0.44 21.70 4.26
CA ASP A 32 -0.70 21.65 5.70
C ASP A 32 0.23 20.64 6.35
N GLU A 33 0.31 20.72 7.68
CA GLU A 33 1.20 19.94 8.53
C GLU A 33 2.67 20.26 8.28
N THR A 34 2.99 21.18 7.37
CA THR A 34 4.38 21.55 7.10
C THR A 34 4.53 23.05 6.92
N ILE A 35 3.64 23.66 6.13
CA ILE A 35 3.80 25.05 5.75
C ILE A 35 2.58 25.89 6.11
N ILE A 36 1.47 25.66 5.42
CA ILE A 36 0.25 26.46 5.63
C ILE A 36 -0.22 26.28 7.06
N ILE A 37 -0.66 25.09 7.42
CA ILE A 37 -0.96 24.75 8.80
C ILE A 37 0.29 24.08 9.37
N PHE A 38 0.93 24.75 10.31
CA PHE A 38 2.10 24.17 10.97
C PHE A 38 1.81 24.01 12.45
N HIS A 39 0.73 23.29 12.77
CA HIS A 39 0.36 23.05 14.16
C HIS A 39 1.40 22.22 14.90
N SER A 40 2.30 21.56 14.17
CA SER A 40 3.38 20.82 14.81
C SER A 40 4.33 21.74 15.56
N LEU A 41 4.44 23.00 15.11
CA LEU A 41 5.28 23.96 15.81
C LEU A 41 4.73 24.30 17.19
N LEU A 42 3.45 24.66 17.25
CA LEU A 42 2.89 25.20 18.48
C LEU A 42 2.80 24.13 19.57
N THR A 43 2.47 22.89 19.19
CA THR A 43 2.38 21.81 20.17
C THR A 43 3.74 21.41 20.74
N GLY A 44 4.84 21.84 20.12
CA GLY A 44 6.15 21.43 20.55
C GLY A 44 6.57 20.05 20.08
N THR A 45 5.69 19.32 19.40
CA THR A 45 6.05 18.00 18.90
C THR A 45 7.10 18.09 17.80
N PHE A 46 7.14 19.21 17.08
CA PHE A 46 8.12 19.36 16.00
C PHE A 46 9.54 19.24 16.53
N ALA A 47 9.81 19.82 17.70
CA ALA A 47 11.15 19.76 18.26
C ALA A 47 11.45 18.41 18.91
N SER A 48 10.43 17.75 19.46
CA SER A 48 10.64 16.41 19.99
C SER A 48 10.82 15.39 18.86
N ARG A 49 10.22 15.65 17.70
CA ARG A 49 10.40 14.75 16.56
C ARG A 49 11.79 14.92 15.95
N TYR A 50 12.24 16.15 15.77
CA TYR A 50 13.45 16.44 15.03
C TYR A 50 14.61 16.89 15.92
N GLY A 51 14.46 16.80 17.24
CA GLY A 51 15.55 17.11 18.13
C GLY A 51 15.94 18.56 18.21
N LYS A 52 15.09 19.47 17.72
CA LYS A 52 15.39 20.89 17.78
C LYS A 52 14.99 21.45 19.13
N ASP A 53 15.21 22.75 19.33
CA ASP A 53 14.82 23.39 20.58
C ASP A 53 13.31 23.53 20.63
N THR A 54 12.73 23.21 21.78
CA THR A 54 11.28 23.17 21.89
C THR A 54 10.68 24.55 22.11
N THR A 55 11.35 25.41 22.88
CA THR A 55 10.79 26.71 23.21
C THR A 55 10.89 27.69 22.04
N THR A 56 12.04 27.70 21.34
CA THR A 56 12.19 28.61 20.20
C THR A 56 11.17 28.29 19.11
N SER A 57 10.93 27.01 18.86
CA SER A 57 9.98 26.61 17.83
C SER A 57 8.60 27.19 18.09
N VAL A 58 8.14 27.13 19.34
CA VAL A 58 6.84 27.70 19.68
C VAL A 58 6.88 29.22 19.59
N ARG A 59 8.01 29.84 19.93
CA ARG A 59 8.11 31.29 19.90
C ARG A 59 7.92 31.83 18.48
N ILE A 60 8.62 31.25 17.51
CA ILE A 60 8.48 31.70 16.12
C ILE A 60 7.07 31.43 15.62
N GLY A 61 6.48 30.30 16.02
CA GLY A 61 5.14 29.98 15.58
C GLY A 61 4.13 31.02 16.01
N LEU A 62 4.17 31.42 17.28
CA LEU A 62 3.25 32.45 17.75
C LEU A 62 3.58 33.81 17.14
N MET A 63 4.86 34.09 16.91
CA MET A 63 5.24 35.36 16.28
C MET A 63 4.80 35.40 14.82
N MET A 64 4.99 34.29 14.09
CA MET A 64 4.60 34.25 12.69
C MET A 64 3.09 34.34 12.53
N GLU A 65 2.35 33.62 13.39
CA GLU A 65 0.89 33.70 13.35
C GLU A 65 0.40 35.11 13.67
N GLU A 66 1.17 35.87 14.46
CA GLU A 66 0.79 37.24 14.77
C GLU A 66 0.87 38.12 13.53
N MET A 67 1.97 38.03 12.78
CA MET A 67 2.12 38.84 11.57
C MET A 67 1.12 38.43 10.49
N ILE A 68 0.78 37.14 10.44
CA ILE A 68 -0.16 36.68 9.42
C ILE A 68 -1.54 37.28 9.66
N PHE A 69 -2.05 37.17 10.89
CA PHE A 69 -3.37 37.71 11.20
C PHE A 69 -3.35 39.22 11.28
N ASN A 70 -2.19 39.84 11.49
CA ASN A 70 -2.09 41.29 11.39
C ASN A 70 -2.22 41.74 9.94
N LEU A 71 -1.60 41.01 9.02
CA LEU A 71 -1.73 41.33 7.59
C LEU A 71 -3.17 41.16 7.13
N ALA A 72 -3.86 40.13 7.62
CA ALA A 72 -5.23 39.89 7.20
C ALA A 72 -6.20 40.91 7.79
N ASP A 73 -5.94 41.36 9.01
CA ASP A 73 -6.81 42.36 9.63
C ASP A 73 -6.57 43.75 9.04
N THR A 74 -5.30 44.15 8.93
CA THR A 74 -5.00 45.52 8.51
C THR A 74 -5.24 45.74 7.03
N HIS A 75 -5.19 44.68 6.22
CA HIS A 75 -5.26 44.84 4.78
C HIS A 75 -6.37 44.03 4.12
N LEU A 76 -6.64 42.80 4.57
CA LEU A 76 -7.50 41.89 3.84
C LEU A 76 -8.87 41.70 4.50
N PHE A 77 -9.29 42.63 5.35
CA PHE A 77 -10.64 42.66 5.91
C PHE A 77 -10.99 41.35 6.61
N PHE A 78 -10.06 40.82 7.41
CA PHE A 78 -10.28 39.50 8.01
C PHE A 78 -11.40 39.53 9.05
N ASN A 79 -11.46 40.60 9.85
CA ASN A 79 -12.54 40.70 10.83
C ASN A 79 -13.90 40.74 10.15
N ASP A 80 -13.97 41.35 8.97
CA ASP A 80 -15.23 41.39 8.23
C ASP A 80 -15.60 40.03 7.69
N LEU A 81 -14.61 39.24 7.25
CA LEU A 81 -14.86 38.00 6.52
C LEU A 81 -14.48 36.76 7.33
N GLU A 82 -14.37 36.88 8.66
CA GLU A 82 -14.00 35.73 9.47
C GLU A 82 -15.12 34.69 9.50
N ASP A 83 -16.36 35.14 9.70
CA ASP A 83 -17.50 34.23 9.73
C ASP A 83 -18.06 33.95 8.35
N CYS A 84 -17.77 34.78 7.36
CA CYS A 84 -18.25 34.60 6.00
C CYS A 84 -17.15 34.07 5.08
N ASP A 85 -16.20 33.30 5.61
CA ASP A 85 -15.10 32.79 4.80
C ASP A 85 -15.61 31.84 3.73
N GLN A 86 -15.22 32.10 2.48
CA GLN A 86 -15.67 31.33 1.34
C GLN A 86 -14.75 30.12 1.11
N ILE A 87 -14.96 29.43 0.00
CA ILE A 87 -14.15 28.27 -0.34
C ILE A 87 -13.24 28.69 -1.48
N HIS A 88 -13.72 29.61 -2.31
CA HIS A 88 -12.92 30.16 -3.39
C HIS A 88 -13.17 31.67 -3.45
N VAL A 89 -12.20 32.36 -4.07
CA VAL A 89 -12.26 33.82 -4.11
C VAL A 89 -13.30 34.30 -5.11
N ASP A 90 -13.43 33.62 -6.25
CA ASP A 90 -14.36 34.04 -7.30
C ASP A 90 -15.76 33.49 -7.11
N ASP A 91 -16.15 33.15 -5.89
CA ASP A 91 -17.46 32.55 -5.66
C ASP A 91 -18.56 33.61 -5.65
N VAL A 92 -18.28 34.79 -5.09
CA VAL A 92 -19.29 35.82 -4.94
C VAL A 92 -19.16 36.88 -6.04
N SER A 93 -18.47 36.57 -7.13
CA SER A 93 -18.36 37.51 -8.25
C SER A 93 -19.69 37.72 -8.95
N SER A 94 -20.72 36.92 -8.65
CA SER A 94 -22.01 37.08 -9.31
C SER A 94 -22.73 38.35 -8.87
N ASP A 95 -22.55 38.77 -7.62
CA ASP A 95 -23.24 39.93 -7.07
C ASP A 95 -22.36 41.19 -7.06
N ASP A 96 -21.35 41.25 -7.93
CA ASP A 96 -20.46 42.39 -8.00
C ASP A 96 -20.79 43.22 -9.23
N ASN A 97 -21.25 44.45 -9.00
CA ASN A 97 -21.45 45.42 -10.07
C ASN A 97 -20.17 46.24 -10.16
N GLY A 98 -19.33 45.91 -11.14
CA GLY A 98 -18.03 46.54 -11.29
C GLY A 98 -18.05 48.06 -11.32
N GLN A 99 -17.39 48.69 -10.35
CA GLN A 99 -17.38 50.13 -10.25
C GLN A 99 -16.06 50.58 -9.65
N ASP A 100 -15.70 51.83 -9.92
CA ASP A 100 -14.49 52.42 -9.33
C ASP A 100 -14.72 52.65 -7.84
N LEU A 101 -13.95 51.95 -7.01
CA LEU A 101 -14.11 52.01 -5.56
C LEU A 101 -12.87 52.57 -4.87
N SER A 102 -12.06 53.35 -5.57
CA SER A 102 -10.89 53.95 -4.93
C SER A 102 -11.30 54.92 -3.84
N THR A 103 -12.34 55.71 -4.09
CA THR A 103 -12.88 56.60 -3.06
C THR A 103 -13.72 55.83 -2.05
N TYR A 104 -14.35 54.74 -2.48
CA TYR A 104 -15.20 53.93 -1.61
C TYR A 104 -14.43 53.45 -0.39
N ASN A 105 -14.90 53.83 0.79
CA ASN A 105 -14.29 53.44 2.05
C ASN A 105 -15.12 52.32 2.67
N PHE A 106 -14.48 51.18 2.94
CA PHE A 106 -15.19 49.99 3.38
C PHE A 106 -15.62 50.05 4.84
N SER A 107 -15.00 50.90 5.66
CA SER A 107 -15.34 50.94 7.08
C SER A 107 -16.74 51.50 7.30
N ALA A 108 -17.17 52.45 6.49
CA ALA A 108 -18.46 53.12 6.67
C ALA A 108 -19.48 52.62 5.65
N ASP A 109 -19.81 51.33 5.76
CA ASP A 109 -20.87 50.72 4.98
C ASP A 109 -21.77 49.92 5.92
N GLY A 110 -22.76 49.24 5.34
CA GLY A 110 -23.64 48.43 6.14
C GLY A 110 -23.08 47.11 6.60
N PHE A 111 -21.82 46.80 6.26
CA PHE A 111 -21.24 45.50 6.57
C PHE A 111 -20.82 45.42 8.03
N HIS A 112 -21.21 44.33 8.68
CA HIS A 112 -20.85 44.02 10.06
C HIS A 112 -21.26 42.58 10.33
N SER A 113 -20.47 41.91 11.16
CA SER A 113 -20.69 40.50 11.50
C SER A 113 -20.77 39.63 10.24
N GLY A 129 -29.76 39.44 1.10
CA GLY A 129 -28.41 39.96 1.01
C GLY A 129 -28.14 40.76 -0.24
N VAL A 130 -29.14 40.86 -1.13
CA VAL A 130 -29.02 41.51 -2.43
C VAL A 130 -28.38 42.88 -2.32
N ASP A 131 -28.51 43.51 -1.15
CA ASP A 131 -27.81 44.76 -0.86
C ASP A 131 -26.58 44.56 0.01
N TRP A 132 -26.52 43.47 0.78
CA TRP A 132 -25.36 43.15 1.63
C TRP A 132 -24.44 42.13 0.98
N MET A 133 -24.98 41.15 0.26
CA MET A 133 -24.15 40.31 -0.60
C MET A 133 -23.57 41.10 -1.77
N ARG A 134 -24.21 42.20 -2.15
CA ARG A 134 -23.56 43.17 -3.02
C ARG A 134 -22.39 43.84 -2.31
N LYS A 135 -22.47 43.95 -0.98
CA LYS A 135 -21.43 44.56 -0.16
C LYS A 135 -20.42 43.54 0.35
N LEU A 136 -20.30 42.39 -0.30
CA LEU A 136 -19.32 41.38 0.05
C LEU A 136 -18.33 41.10 -1.07
N ALA A 137 -18.76 41.22 -2.33
CA ALA A 137 -17.90 40.83 -3.44
C ALA A 137 -16.77 41.83 -3.64
N PHE A 138 -17.08 43.13 -3.63
CA PHE A 138 -16.06 44.14 -3.85
C PHE A 138 -14.94 44.04 -2.82
N ARG A 139 -15.24 43.53 -1.62
CA ARG A 139 -14.19 43.22 -0.67
C ARG A 139 -13.28 42.12 -1.19
N TYR A 140 -13.87 41.04 -1.71
CA TYR A 140 -13.07 39.96 -2.26
C TYR A 140 -12.40 40.35 -3.57
N ARG A 141 -13.01 41.25 -4.34
CA ARG A 141 -12.29 41.82 -5.47
C ARG A 141 -11.13 42.69 -5.00
N ARG A 142 -11.29 43.35 -3.85
CA ARG A 142 -10.18 44.09 -3.27
C ARG A 142 -9.11 43.13 -2.75
N VAL A 143 -9.51 42.03 -2.12
CA VAL A 143 -8.55 41.03 -1.67
C VAL A 143 -7.77 40.46 -2.84
N LYS A 144 -8.46 40.20 -3.96
CA LYS A 144 -7.77 39.73 -5.15
C LYS A 144 -6.82 40.80 -5.69
N GLU A 145 -7.20 42.07 -5.57
CA GLU A 145 -6.32 43.13 -6.04
C GLU A 145 -5.06 43.25 -5.18
N MET A 146 -5.20 43.13 -3.86
CA MET A 146 -4.04 43.22 -2.99
C MET A 146 -3.10 42.04 -3.21
N TYR A 147 -3.66 40.84 -3.37
CA TYR A 147 -2.83 39.67 -3.64
C TYR A 147 -2.08 39.83 -4.96
N ASN A 148 -2.82 40.04 -6.05
CA ASN A 148 -2.24 40.11 -7.38
C ASN A 148 -1.36 41.34 -7.60
N THR A 149 -1.23 42.23 -6.61
CA THR A 149 -0.36 43.38 -6.72
C THR A 149 0.88 43.29 -5.84
N TYR A 150 0.82 42.56 -4.72
CA TYR A 150 1.93 42.46 -3.79
C TYR A 150 2.38 41.03 -3.56
N LYS A 151 2.03 40.11 -4.46
CA LYS A 151 2.47 38.73 -4.30
C LYS A 151 3.97 38.58 -4.56
N ASN A 152 4.60 39.57 -5.19
CA ASN A 152 6.05 39.62 -5.32
C ASN A 152 6.63 40.91 -4.77
N ASN A 153 5.81 41.77 -4.18
CA ASN A 153 6.27 42.99 -3.52
C ASN A 153 5.59 43.10 -2.15
N VAL A 154 5.91 42.15 -1.28
CA VAL A 154 5.33 42.16 0.07
C VAL A 154 5.87 43.34 0.88
N GLY A 155 7.07 43.83 0.54
CA GLY A 155 7.60 45.01 1.18
C GLY A 155 6.79 46.27 0.93
N GLY A 156 6.06 46.32 -0.18
CA GLY A 156 5.15 47.42 -0.45
C GLY A 156 3.80 47.32 0.20
N LEU A 157 3.46 46.15 0.76
CA LEU A 157 2.21 45.95 1.49
C LEU A 157 2.43 46.07 3.00
N ILE A 158 3.23 45.17 3.56
CA ILE A 158 3.71 45.32 4.93
C ILE A 158 5.06 46.04 4.83
N GLY A 159 5.00 47.36 4.90
CA GLY A 159 6.21 48.15 4.65
C GLY A 159 7.29 47.84 5.65
N THR A 160 8.53 47.84 5.17
CA THR A 160 9.68 47.72 6.06
C THR A 160 9.57 48.77 7.16
N PRO A 161 9.92 48.44 8.41
CA PRO A 161 10.65 47.27 8.92
C PRO A 161 9.87 45.95 9.02
N LYS A 162 8.58 45.95 8.70
CA LYS A 162 7.80 44.71 8.85
C LYS A 162 8.33 43.62 7.95
N ARG A 163 8.77 43.97 6.73
CA ARG A 163 9.39 42.98 5.86
C ARG A 163 10.73 42.50 6.44
N GLU A 164 11.47 43.41 7.07
CA GLU A 164 12.71 43.02 7.72
C GLU A 164 12.47 42.15 8.95
N THR A 165 11.32 42.33 9.60
CA THR A 165 10.99 41.50 10.76
C THR A 165 10.64 40.08 10.35
N TRP A 166 9.85 39.93 9.29
CA TRP A 166 9.46 38.59 8.85
C TRP A 166 10.59 37.87 8.13
N LEU A 167 11.46 38.59 7.42
CA LEU A 167 12.62 37.96 6.78
C LEU A 167 13.51 37.30 7.82
N GLN A 168 13.81 38.01 8.91
CA GLN A 168 14.50 37.40 10.04
C GLN A 168 13.67 36.28 10.65
N LEU A 169 12.34 36.44 10.65
CA LEU A 169 11.48 35.42 11.25
C LEU A 169 11.48 34.14 10.44
N ARG A 170 11.42 34.25 9.12
CA ARG A 170 11.47 33.04 8.28
C ARG A 170 12.83 32.37 8.35
N ALA A 171 13.90 33.17 8.34
CA ALA A 171 15.25 32.61 8.39
C ALA A 171 15.47 31.80 9.66
N GLU A 172 14.92 32.28 10.78
CA GLU A 172 15.07 31.55 12.04
C GLU A 172 14.33 30.22 12.01
N LEU A 173 13.16 30.19 11.37
CA LEU A 173 12.40 28.94 11.28
C LEU A 173 13.01 28.01 10.24
N GLU A 174 13.49 28.54 9.13
CA GLU A 174 14.10 27.70 8.11
C GLU A 174 15.38 27.04 8.61
N ALA A 175 16.07 27.67 9.57
CA ALA A 175 17.24 27.04 10.16
C ALA A 175 16.87 25.81 10.98
N LEU A 176 15.66 25.79 11.54
CA LEU A 176 15.20 24.62 12.28
C LEU A 176 14.76 23.51 11.33
N THR A 177 13.93 23.84 10.35
CA THR A 177 13.41 22.86 9.40
C THR A 177 14.40 22.53 8.28
N ASP A 178 15.64 22.99 8.39
CA ASP A 178 16.67 22.77 7.36
C ASP A 178 16.19 23.28 6.00
N LEU A 179 15.64 24.49 6.00
CA LEU A 179 15.18 25.15 4.77
C LEU A 179 14.14 24.32 4.04
N TRP A 180 13.07 23.96 4.77
CA TRP A 180 12.01 23.17 4.16
C TRP A 180 11.24 23.97 3.12
N LEU A 181 10.77 25.16 3.49
CA LEU A 181 10.00 25.98 2.56
C LEU A 181 10.84 26.35 1.33
N THR A 182 12.11 26.70 1.54
CA THR A 182 12.99 26.98 0.42
C THR A 182 13.17 25.75 -0.46
N HIS A 183 13.32 24.58 0.16
CA HIS A 183 13.40 23.34 -0.60
C HIS A 183 12.09 23.04 -1.31
N SER A 184 10.96 23.30 -0.65
CA SER A 184 9.67 23.05 -1.27
C SER A 184 9.38 24.04 -2.39
N LEU A 185 9.93 25.25 -2.30
CA LEU A 185 9.74 26.24 -3.37
C LEU A 185 10.50 25.87 -4.64
N LYS A 186 11.54 25.05 -4.53
CA LYS A 186 12.23 24.58 -5.74
C LYS A 186 11.31 23.72 -6.59
N ALA A 187 10.50 22.86 -5.95
CA ALA A 187 9.58 22.03 -6.70
C ALA A 187 8.39 22.83 -7.21
N LEU A 188 7.97 23.86 -6.47
CA LEU A 188 6.83 24.67 -6.89
C LEU A 188 7.17 25.50 -8.12
N ASN A 189 8.34 26.15 -8.12
CA ASN A 189 8.75 26.94 -9.27
C ASN A 189 9.01 26.04 -10.48
N LEU A 190 9.39 24.78 -10.25
CA LEU A 190 9.64 23.87 -11.37
C LEU A 190 8.35 23.55 -12.10
N ILE A 191 7.28 23.25 -11.36
CA ILE A 191 5.98 23.01 -11.98
C ILE A 191 5.44 24.29 -12.59
N ASN A 192 5.69 25.43 -11.94
CA ASN A 192 5.16 26.70 -12.43
C ASN A 192 5.73 27.06 -13.78
N SER A 193 7.03 26.82 -13.98
CA SER A 193 7.67 27.21 -15.23
C SER A 193 7.21 26.36 -16.41
N ARG A 194 6.76 25.15 -16.15
CA ARG A 194 6.26 24.28 -17.21
C ARG A 194 4.97 24.86 -17.76
N PRO A 195 4.91 25.22 -19.05
CA PRO A 195 3.67 25.81 -19.58
C PRO A 195 2.50 24.85 -19.60
N ASN A 196 2.74 23.54 -19.58
CA ASN A 196 1.68 22.55 -19.54
C ASN A 196 1.26 22.18 -18.12
N CYS A 197 2.01 22.63 -17.11
CA CYS A 197 1.75 22.26 -15.73
C CYS A 197 1.29 23.47 -14.93
N VAL A 198 0.42 23.21 -13.95
CA VAL A 198 -0.02 24.20 -12.98
C VAL A 198 -0.17 23.50 -11.64
N ASN A 199 -0.03 24.27 -10.57
CA ASN A 199 -0.14 23.74 -9.22
C ASN A 199 -1.22 24.51 -8.46
N VAL A 200 -2.10 23.77 -7.78
CA VAL A 200 -3.18 24.34 -7.01
C VAL A 200 -2.98 24.01 -5.54
N LEU A 201 -3.69 24.73 -4.69
CA LEU A 201 -3.57 24.61 -3.24
C LEU A 201 -4.92 24.30 -2.64
N VAL A 202 -5.00 23.20 -1.89
CA VAL A 202 -6.18 22.82 -1.12
C VAL A 202 -5.76 22.76 0.34
N THR A 203 -6.42 23.55 1.18
CA THR A 203 -6.07 23.62 2.60
C THR A 203 -7.34 23.67 3.43
N THR A 204 -7.18 23.39 4.73
CA THR A 204 -8.31 23.37 5.65
C THR A 204 -8.53 24.70 6.36
N THR A 205 -7.57 25.62 6.30
CA THR A 205 -7.76 26.93 6.88
C THR A 205 -8.78 27.74 6.07
N GLN A 206 -9.25 28.83 6.67
CA GLN A 206 -10.12 29.75 5.96
C GLN A 206 -9.35 30.42 4.82
N LEU A 207 -10.10 30.94 3.85
CA LEU A 207 -9.48 31.46 2.64
C LEU A 207 -8.58 32.66 2.94
N ILE A 208 -9.11 33.65 3.65
CA ILE A 208 -8.33 34.87 3.92
C ILE A 208 -7.05 34.58 4.70
N PRO A 209 -7.05 33.77 5.77
CA PRO A 209 -5.76 33.43 6.40
C PRO A 209 -4.82 32.71 5.47
N ALA A 210 -5.32 31.73 4.69
CA ALA A 210 -4.47 31.02 3.75
C ALA A 210 -3.89 31.96 2.71
N LEU A 211 -4.68 32.93 2.24
CA LEU A 211 -4.16 33.93 1.33
C LEU A 211 -3.11 34.81 2.01
N ALA A 212 -3.28 35.07 3.30
CA ALA A 212 -2.27 35.83 4.03
C ALA A 212 -0.99 35.03 4.19
N LYS A 213 -1.11 33.72 4.38
CA LYS A 213 0.08 32.88 4.50
C LYS A 213 0.81 32.77 3.17
N VAL A 214 0.07 32.58 2.08
CA VAL A 214 0.69 32.47 0.76
C VAL A 214 1.37 33.77 0.38
N LEU A 215 0.73 34.90 0.67
CA LEU A 215 1.34 36.20 0.38
C LEU A 215 2.63 36.37 1.15
N LEU A 216 2.60 36.11 2.46
CA LEU A 216 3.77 36.36 3.30
C LEU A 216 4.90 35.39 2.99
N TYR A 217 4.58 34.09 2.88
CA TYR A 217 5.61 33.06 2.75
C TYR A 217 6.32 33.11 1.40
N GLY A 218 5.92 33.97 0.48
CA GLY A 218 6.53 34.04 -0.83
C GLY A 218 5.96 33.08 -1.85
N LEU A 219 4.83 32.45 -1.57
CA LEU A 219 4.18 31.53 -2.49
C LEU A 219 3.22 32.23 -3.43
N GLY A 220 3.32 33.56 -3.57
CA GLY A 220 2.36 34.29 -4.37
C GLY A 220 2.47 34.01 -5.85
N SER A 221 3.70 33.91 -6.37
CA SER A 221 3.89 33.71 -7.80
C SER A 221 3.55 32.29 -8.21
N VAL A 222 4.03 31.31 -7.44
CA VAL A 222 3.83 29.91 -7.81
C VAL A 222 2.41 29.45 -7.58
N PHE A 223 1.63 30.16 -6.76
CA PHE A 223 0.24 29.81 -6.47
C PHE A 223 -0.66 30.93 -6.94
N PRO A 224 -1.21 30.85 -8.15
CA PRO A 224 -2.18 31.84 -8.60
C PRO A 224 -3.38 31.87 -7.65
N ILE A 225 -3.94 33.07 -7.47
CA ILE A 225 -4.99 33.24 -6.47
C ILE A 225 -6.24 32.45 -6.85
N GLU A 226 -6.49 32.26 -8.14
CA GLU A 226 -7.62 31.45 -8.58
C GLU A 226 -7.37 29.95 -8.45
N ASN A 227 -6.20 29.54 -7.98
CA ASN A 227 -5.86 28.14 -7.80
C ASN A 227 -5.67 27.77 -6.32
N ILE A 228 -6.33 28.50 -5.43
CA ILE A 228 -6.28 28.25 -3.99
C ILE A 228 -7.69 27.90 -3.53
N TYR A 229 -7.82 26.78 -2.82
CA TYR A 229 -9.11 26.28 -2.37
C TYR A 229 -9.08 26.07 -0.87
N SER A 230 -9.99 26.72 -0.16
CA SER A 230 -10.12 26.58 1.29
C SER A 230 -11.20 25.55 1.58
N ALA A 231 -10.78 24.32 1.87
CA ALA A 231 -11.71 23.24 2.16
C ALA A 231 -12.15 23.28 3.61
N THR A 232 -12.69 24.41 4.05
CA THR A 232 -13.08 24.58 5.45
C THR A 232 -14.55 24.24 5.68
N LYS A 233 -15.46 24.81 4.88
CA LYS A 233 -16.87 24.60 5.09
C LYS A 233 -17.33 23.22 4.60
N THR A 234 -16.79 22.77 3.47
CA THR A 234 -17.28 21.53 2.85
C THR A 234 -16.40 20.34 3.27
N GLY A 235 -15.15 20.35 2.82
CA GLY A 235 -14.25 19.23 3.05
C GLY A 235 -13.28 19.10 1.90
N LYS A 236 -12.29 18.24 2.10
CA LYS A 236 -11.24 18.05 1.10
C LYS A 236 -11.79 17.44 -0.18
N GLU A 237 -12.79 16.57 -0.08
CA GLU A 237 -13.29 15.87 -1.26
C GLU A 237 -14.12 16.77 -2.16
N SER A 238 -14.91 17.68 -1.56
CA SER A 238 -15.68 18.62 -2.36
C SER A 238 -14.80 19.59 -3.12
N CYS A 239 -13.56 19.81 -2.65
CA CYS A 239 -12.62 20.64 -3.39
C CYS A 239 -11.95 19.89 -4.52
N PHE A 240 -11.69 18.59 -4.34
CA PHE A 240 -11.12 17.78 -5.41
C PHE A 240 -12.05 17.75 -6.61
N GLU A 241 -13.33 17.44 -6.38
CA GLU A 241 -14.31 17.47 -7.48
C GLU A 241 -14.49 18.87 -8.02
N ARG A 242 -14.33 19.88 -7.17
CA ARG A 242 -14.39 21.27 -7.64
C ARG A 242 -13.25 21.56 -8.61
N ILE A 243 -12.07 20.98 -8.36
CA ILE A 243 -10.93 21.20 -9.24
C ILE A 243 -11.12 20.48 -10.56
N MET A 244 -11.49 19.19 -10.49
CA MET A 244 -11.65 18.41 -11.71
C MET A 244 -12.79 18.93 -12.58
N GLN A 245 -13.81 19.54 -11.96
CA GLN A 245 -14.87 20.16 -12.74
C GLN A 245 -14.33 21.36 -13.52
N ARG A 246 -13.43 22.12 -12.93
CA ARG A 246 -12.86 23.30 -13.59
C ARG A 246 -11.83 22.91 -14.63
N PHE A 247 -10.89 22.04 -14.27
CA PHE A 247 -9.79 21.70 -15.16
C PHE A 247 -10.08 20.53 -16.09
N GLY A 248 -11.24 19.87 -15.95
CA GLY A 248 -11.60 18.77 -16.83
C GLY A 248 -10.86 17.47 -16.56
N ARG A 249 -11.40 16.35 -17.02
CA ARG A 249 -10.79 15.05 -16.80
C ARG A 249 -9.75 14.68 -17.86
N LYS A 250 -9.50 15.56 -18.82
CA LYS A 250 -8.52 15.31 -19.86
C LYS A 250 -7.08 15.61 -19.42
N ALA A 251 -6.89 15.95 -18.14
CA ALA A 251 -5.57 16.22 -17.60
C ALA A 251 -5.26 15.25 -16.47
N VAL A 252 -3.97 14.99 -16.26
CA VAL A 252 -3.53 14.06 -15.23
C VAL A 252 -3.44 14.82 -13.90
N TYR A 253 -4.23 14.38 -12.92
CA TYR A 253 -4.22 14.98 -11.60
C TYR A 253 -3.27 14.20 -10.68
N VAL A 254 -2.39 14.92 -10.01
CA VAL A 254 -1.48 14.35 -9.02
C VAL A 254 -1.60 15.15 -7.74
N VAL A 255 -1.56 14.46 -6.61
CA VAL A 255 -1.67 15.09 -5.30
C VAL A 255 -0.35 14.92 -4.56
N ILE A 256 0.24 16.04 -4.14
CA ILE A 256 1.47 16.04 -3.35
C ILE A 256 1.15 16.70 -2.02
N GLY A 257 1.31 15.96 -0.94
CA GLY A 257 0.99 16.46 0.38
C GLY A 257 1.59 15.62 1.48
N ASP A 258 0.92 15.59 2.62
CA ASP A 258 1.39 14.87 3.79
C ASP A 258 0.19 14.30 4.54
N GLY A 259 0.29 13.03 4.91
CA GLY A 259 -0.76 12.41 5.72
C GLY A 259 -1.84 11.80 4.84
N VAL A 260 -3.10 12.08 5.20
CA VAL A 260 -4.24 11.55 4.47
C VAL A 260 -5.02 12.68 3.82
N LYS A 268 -9.60 8.55 -3.38
CA LYS A 268 -10.35 8.12 -4.55
C LYS A 268 -10.15 9.08 -5.72
N HIS A 269 -11.04 8.99 -6.71
CA HIS A 269 -11.09 9.92 -7.85
C HIS A 269 -9.85 9.81 -8.73
N ASN A 270 -9.17 8.66 -8.72
CA ASN A 270 -8.10 8.34 -9.66
C ASN A 270 -6.96 9.36 -9.63
N MET A 271 -6.68 9.94 -8.46
CA MET A 271 -5.60 10.90 -8.33
C MET A 271 -4.46 10.30 -7.52
N PRO A 272 -3.33 9.97 -8.14
CA PRO A 272 -2.21 9.40 -7.38
C PRO A 272 -1.70 10.37 -6.33
N PHE A 273 -1.26 9.81 -5.21
CA PHE A 273 -0.84 10.58 -4.04
C PHE A 273 0.66 10.50 -3.88
N TRP A 274 1.27 11.63 -3.55
CA TRP A 274 2.72 11.75 -3.36
C TRP A 274 2.99 12.22 -1.94
N ARG A 275 3.00 11.27 -1.00
CA ARG A 275 3.33 11.57 0.38
C ARG A 275 4.78 12.04 0.48
N ILE A 276 4.98 13.28 0.90
CA ILE A 276 6.28 13.92 0.81
C ILE A 276 6.71 14.48 2.17
N SER A 277 6.55 13.66 3.21
CA SER A 277 6.85 14.13 4.56
C SER A 277 8.34 14.36 4.77
N CYS A 278 9.16 13.40 4.36
CA CYS A 278 10.59 13.48 4.62
C CYS A 278 11.24 14.59 3.80
N HIS A 279 12.47 14.95 4.21
CA HIS A 279 13.21 15.99 3.50
C HIS A 279 13.84 15.45 2.22
N ALA A 280 14.48 14.28 2.31
CA ALA A 280 15.04 13.63 1.13
C ALA A 280 13.94 13.17 0.18
N ASP A 281 12.70 13.04 0.65
CA ASP A 281 11.58 12.78 -0.23
C ASP A 281 11.43 13.88 -1.26
N LEU A 282 11.50 15.14 -0.80
CA LEU A 282 11.39 16.28 -1.71
C LEU A 282 12.46 16.24 -2.79
N GLU A 283 13.68 15.82 -2.43
CA GLU A 283 14.74 15.69 -3.42
C GLU A 283 14.34 14.72 -4.52
N ALA A 284 13.74 13.59 -4.15
CA ALA A 284 13.32 12.61 -5.15
C ALA A 284 12.19 13.15 -6.01
N LEU A 285 11.23 13.85 -5.41
CA LEU A 285 10.17 14.50 -6.18
C LEU A 285 10.75 15.53 -7.13
N ARG A 286 11.65 16.37 -6.63
CA ARG A 286 12.41 17.26 -7.51
C ARG A 286 13.16 16.45 -8.57
N HIS A 287 13.83 15.38 -8.16
CA HIS A 287 14.57 14.56 -9.10
CA HIS A 287 14.57 14.56 -9.10
C HIS A 287 13.66 14.01 -10.19
N ALA A 288 12.43 13.65 -9.83
CA ALA A 288 11.50 13.11 -10.82
C ALA A 288 11.01 14.19 -11.78
N LEU A 289 10.87 15.42 -11.30
CA LEU A 289 10.39 16.49 -12.17
C LEU A 289 11.44 16.88 -13.20
N GLU A 290 12.73 16.87 -12.82
CA GLU A 290 13.78 17.22 -13.76
C GLU A 290 13.82 16.27 -14.94
N LEU A 291 13.59 14.98 -14.69
CA LEU A 291 13.63 13.95 -15.72
C LEU A 291 12.28 13.74 -16.39
N GLU A 292 11.31 14.63 -16.15
CA GLU A 292 9.99 14.61 -16.76
C GLU A 292 9.24 13.30 -16.50
N TYR A 293 9.58 12.60 -15.41
CA TYR A 293 8.75 11.49 -14.96
C TYR A 293 7.45 11.96 -14.33
N LEU A 294 7.32 13.26 -14.07
CA LEU A 294 6.14 13.83 -13.44
C LEU A 294 5.86 15.24 -13.96
N ASP B 20 26.56 -31.08 -24.82
CA ASP B 20 27.37 -30.03 -25.43
C ASP B 20 26.62 -28.70 -25.46
N ASN B 21 26.28 -28.24 -26.67
CA ASN B 21 25.61 -26.96 -26.86
C ASN B 21 24.41 -27.08 -27.80
N GLU B 22 23.82 -28.27 -27.94
CA GLU B 22 22.64 -28.48 -28.74
C GLU B 22 21.43 -28.59 -27.81
N ILE B 23 20.58 -27.57 -27.83
CA ILE B 23 19.42 -27.50 -26.93
C ILE B 23 18.16 -27.85 -27.71
N GLU B 24 17.18 -28.42 -27.00
CA GLU B 24 15.91 -28.79 -27.59
C GLU B 24 14.82 -27.75 -27.39
N ARG B 25 14.83 -27.04 -26.26
CA ARG B 25 13.84 -26.01 -25.97
C ARG B 25 14.56 -24.69 -25.70
N VAL B 26 14.08 -23.63 -26.34
CA VAL B 26 14.65 -22.29 -26.18
C VAL B 26 13.58 -21.39 -25.58
N PHE B 27 13.92 -20.70 -24.50
CA PHE B 27 13.01 -19.83 -23.79
C PHE B 27 13.47 -18.38 -23.92
N VAL B 28 12.66 -17.56 -24.59
CA VAL B 28 12.95 -16.16 -24.80
C VAL B 28 12.15 -15.36 -23.77
N TRP B 29 12.84 -14.61 -22.93
CA TRP B 29 12.21 -13.79 -21.91
C TRP B 29 12.21 -12.33 -22.32
N ASP B 30 11.19 -11.61 -21.86
CA ASP B 30 11.11 -10.16 -22.00
C ASP B 30 10.77 -9.59 -20.63
N LEU B 31 11.79 -9.09 -19.92
CA LEU B 31 11.64 -8.57 -18.58
C LEU B 31 11.57 -7.06 -18.55
N ASP B 32 11.36 -6.42 -19.70
CA ASP B 32 11.11 -4.98 -19.71
C ASP B 32 9.81 -4.68 -18.97
N GLU B 33 9.71 -3.46 -18.47
CA GLU B 33 8.56 -2.99 -17.70
C GLU B 33 8.36 -3.76 -16.40
N THR B 34 9.31 -4.60 -16.01
CA THR B 34 9.20 -5.34 -14.76
C THR B 34 10.56 -5.47 -14.07
N ILE B 35 11.47 -6.24 -14.67
CA ILE B 35 12.79 -6.45 -14.11
C ILE B 35 13.77 -5.44 -14.70
N ILE B 36 13.94 -5.47 -16.00
CA ILE B 36 14.78 -4.52 -16.71
C ILE B 36 13.90 -3.36 -17.17
N ILE B 37 14.50 -2.17 -17.25
CA ILE B 37 13.80 -0.89 -17.49
C ILE B 37 12.40 -0.92 -16.87
N PHE B 38 12.35 -1.11 -15.55
CA PHE B 38 11.10 -1.08 -14.79
C PHE B 38 10.21 0.07 -15.26
N HIS B 39 10.68 1.29 -15.11
CA HIS B 39 10.07 2.49 -15.68
C HIS B 39 8.64 2.72 -15.20
N SER B 40 8.09 1.77 -14.45
CA SER B 40 6.85 2.01 -13.73
C SER B 40 7.11 2.54 -12.34
N LEU B 41 8.29 2.24 -11.78
CA LEU B 41 8.70 2.87 -10.52
C LEU B 41 8.89 4.37 -10.71
N LEU B 42 9.69 4.76 -11.71
CA LEU B 42 10.03 6.16 -11.88
C LEU B 42 8.81 7.00 -12.26
N THR B 43 7.94 6.46 -13.10
CA THR B 43 6.72 7.18 -13.48
C THR B 43 5.69 7.22 -12.36
N GLY B 44 5.89 6.47 -11.28
CA GLY B 44 4.91 6.40 -10.23
C GLY B 44 3.68 5.58 -10.57
N THR B 45 3.68 4.87 -11.70
CA THR B 45 2.52 4.09 -12.09
C THR B 45 2.44 2.76 -11.35
N PHE B 46 3.59 2.14 -11.04
CA PHE B 46 3.56 0.86 -10.34
C PHE B 46 2.93 0.99 -8.97
N ALA B 47 3.16 2.11 -8.28
CA ALA B 47 2.54 2.31 -6.98
C ALA B 47 1.09 2.72 -7.08
N SER B 48 0.72 3.45 -8.13
CA SER B 48 -0.68 3.82 -8.33
C SER B 48 -1.51 2.64 -8.81
N ARG B 49 -0.94 1.81 -9.70
CA ARG B 49 -1.68 0.67 -10.24
C ARG B 49 -1.91 -0.40 -9.19
N TYR B 50 -1.00 -0.52 -8.22
CA TYR B 50 -1.08 -1.57 -7.21
C TYR B 50 -1.28 -1.02 -5.81
N GLY B 51 -1.65 0.26 -5.69
CA GLY B 51 -2.01 0.86 -4.42
C GLY B 51 -0.94 0.81 -3.36
N LYS B 52 0.22 1.40 -3.64
CA LYS B 52 1.32 1.46 -2.69
C LYS B 52 1.89 2.87 -2.69
N ASP B 53 2.91 3.10 -1.85
CA ASP B 53 3.47 4.43 -1.67
C ASP B 53 4.24 4.85 -2.92
N THR B 54 3.79 5.94 -3.55
CA THR B 54 4.44 6.39 -4.78
C THR B 54 5.81 6.99 -4.50
N THR B 55 5.94 7.75 -3.40
CA THR B 55 7.18 8.45 -3.13
C THR B 55 8.31 7.46 -2.82
N THR B 56 8.06 6.50 -1.92
CA THR B 56 9.10 5.56 -1.53
C THR B 56 9.57 4.72 -2.71
N SER B 57 8.63 4.35 -3.60
CA SER B 57 9.00 3.51 -4.74
C SER B 57 9.90 4.27 -5.71
N VAL B 58 9.61 5.56 -5.94
CA VAL B 58 10.41 6.35 -6.86
C VAL B 58 11.84 6.51 -6.34
N ARG B 59 11.98 6.70 -5.02
CA ARG B 59 13.31 6.78 -4.44
C ARG B 59 14.10 5.50 -4.68
N ILE B 60 13.47 4.34 -4.52
CA ILE B 60 14.14 3.08 -4.79
C ILE B 60 14.52 2.98 -6.26
N GLY B 61 13.63 3.43 -7.15
CA GLY B 61 13.93 3.41 -8.56
C GLY B 61 15.06 4.37 -8.93
N LEU B 62 15.08 5.55 -8.31
CA LEU B 62 16.15 6.51 -8.58
C LEU B 62 17.48 6.01 -8.02
N MET B 63 17.45 5.34 -6.87
CA MET B 63 18.68 4.77 -6.32
C MET B 63 19.17 3.60 -7.18
N MET B 64 18.25 2.74 -7.63
CA MET B 64 18.63 1.63 -8.49
C MET B 64 19.23 2.13 -9.80
N GLU B 65 18.65 3.18 -10.37
CA GLU B 65 19.19 3.75 -11.59
C GLU B 65 20.61 4.27 -11.38
N GLU B 66 20.85 4.94 -10.25
CA GLU B 66 22.20 5.42 -9.96
C GLU B 66 23.17 4.26 -9.81
N MET B 67 22.77 3.21 -9.10
CA MET B 67 23.67 2.08 -8.88
C MET B 67 23.99 1.35 -10.17
N ILE B 68 22.99 1.13 -11.02
CA ILE B 68 23.20 0.40 -12.27
C ILE B 68 24.14 1.19 -13.17
N PHE B 69 23.87 2.48 -13.36
CA PHE B 69 24.76 3.31 -14.14
C PHE B 69 26.11 3.53 -13.46
N ASN B 70 26.19 3.32 -12.14
CA ASN B 70 27.47 3.47 -11.45
C ASN B 70 28.41 2.32 -11.80
N LEU B 71 27.89 1.09 -11.84
CA LEU B 71 28.72 -0.05 -12.21
C LEU B 71 29.09 -0.01 -13.68
N ALA B 72 28.11 0.20 -14.55
CA ALA B 72 28.37 0.18 -15.99
C ALA B 72 29.37 1.25 -16.39
N ASP B 73 29.30 2.42 -15.75
CA ASP B 73 30.24 3.50 -16.07
C ASP B 73 31.64 3.17 -15.59
N THR B 74 31.76 2.57 -14.40
CA THR B 74 33.07 2.35 -13.80
C THR B 74 33.81 1.21 -14.51
N HIS B 75 33.16 0.07 -14.67
CA HIS B 75 33.83 -1.13 -15.17
C HIS B 75 33.56 -1.41 -16.64
N LEU B 76 32.34 -1.19 -17.12
CA LEU B 76 31.90 -1.70 -18.41
C LEU B 76 32.09 -0.72 -19.56
N PHE B 77 33.01 0.24 -19.42
CA PHE B 77 33.35 1.17 -20.49
C PHE B 77 32.11 1.89 -21.05
N PHE B 78 31.17 2.23 -20.16
CA PHE B 78 29.90 2.79 -20.62
C PHE B 78 30.12 4.10 -21.37
N ASN B 79 31.03 4.95 -20.88
CA ASN B 79 31.30 6.21 -21.56
C ASN B 79 31.76 5.98 -23.00
N ASP B 80 32.54 4.93 -23.23
CA ASP B 80 33.05 4.63 -24.55
C ASP B 80 32.05 3.85 -25.41
N LEU B 81 31.12 3.13 -24.79
CA LEU B 81 30.17 2.30 -25.51
C LEU B 81 28.75 2.84 -25.45
N GLU B 82 28.54 4.02 -24.87
CA GLU B 82 27.20 4.58 -24.82
C GLU B 82 26.73 5.04 -26.19
N ASP B 83 27.65 5.57 -27.00
CA ASP B 83 27.28 6.07 -28.32
C ASP B 83 27.14 4.96 -29.35
N CYS B 84 27.75 3.79 -29.11
CA CYS B 84 27.66 2.68 -30.05
C CYS B 84 27.44 1.39 -29.26
N ASP B 85 26.31 0.74 -29.51
CA ASP B 85 25.99 -0.54 -28.89
C ASP B 85 25.36 -1.45 -29.94
N GLN B 86 25.63 -2.75 -29.82
CA GLN B 86 25.14 -3.75 -30.76
C GLN B 86 24.17 -4.68 -30.06
N ILE B 87 23.68 -5.66 -30.82
CA ILE B 87 22.71 -6.61 -30.29
C ILE B 87 23.38 -7.62 -29.38
N HIS B 88 24.58 -8.08 -29.74
CA HIS B 88 25.25 -9.16 -29.04
C HIS B 88 26.63 -8.71 -28.58
N VAL B 89 27.15 -9.40 -27.56
CA VAL B 89 28.46 -9.06 -27.03
C VAL B 89 29.56 -9.48 -28.01
N ASP B 90 29.37 -10.62 -28.68
CA ASP B 90 30.35 -11.16 -29.61
C ASP B 90 30.20 -10.60 -31.03
N ASP B 91 29.44 -9.51 -31.20
CA ASP B 91 29.11 -9.04 -32.54
C ASP B 91 30.34 -8.48 -33.26
N VAL B 92 31.25 -7.84 -32.54
CA VAL B 92 32.45 -7.28 -33.16
C VAL B 92 33.41 -8.38 -33.58
N ASN B 97 42.30 -10.63 -32.04
CA ASN B 97 43.21 -11.78 -32.12
C ASN B 97 43.17 -12.61 -30.85
N GLY B 98 43.11 -11.94 -29.70
CA GLY B 98 43.00 -12.63 -28.44
C GLY B 98 44.10 -12.33 -27.44
N GLN B 99 44.74 -11.17 -27.59
CA GLN B 99 45.77 -10.77 -26.65
C GLN B 99 45.16 -10.48 -25.29
N ASP B 100 45.87 -10.89 -24.24
CA ASP B 100 45.37 -10.67 -22.88
C ASP B 100 45.27 -9.17 -22.60
N LEU B 101 44.07 -8.72 -22.20
CA LEU B 101 43.78 -7.31 -22.05
C LEU B 101 43.80 -6.83 -20.61
N SER B 102 43.95 -7.73 -19.63
CA SER B 102 44.00 -7.30 -18.24
C SER B 102 45.27 -6.51 -17.96
N THR B 103 46.41 -6.97 -18.48
CA THR B 103 47.64 -6.20 -18.40
C THR B 103 47.64 -5.01 -19.36
N TYR B 104 46.69 -4.97 -20.29
CA TYR B 104 46.59 -3.88 -21.26
C TYR B 104 45.88 -2.68 -20.65
N ASN B 105 46.30 -1.49 -21.08
CA ASN B 105 45.74 -0.24 -20.58
C ASN B 105 44.67 0.26 -21.55
N PHE B 106 43.41 0.22 -21.10
CA PHE B 106 42.30 0.81 -21.84
C PHE B 106 41.98 2.23 -21.37
N SER B 107 42.71 2.73 -20.37
CA SER B 107 42.44 4.07 -19.85
C SER B 107 42.68 5.13 -20.91
N ALA B 108 43.61 4.89 -21.84
CA ALA B 108 43.89 5.84 -22.91
C ALA B 108 44.39 5.05 -24.11
N ASP B 109 43.53 4.91 -25.13
CA ASP B 109 43.91 4.21 -26.35
C ASP B 109 43.14 4.78 -27.54
N GLY B 110 43.19 6.11 -27.70
CA GLY B 110 42.57 6.77 -28.81
C GLY B 110 41.05 6.77 -28.81
N PHE B 111 40.41 6.18 -27.81
CA PHE B 111 38.95 6.16 -27.73
C PHE B 111 38.41 7.41 -27.06
N GLY B 128 35.43 4.78 -37.87
CA GLY B 128 35.34 3.35 -38.15
C GLY B 128 36.64 2.75 -38.63
N GLY B 129 37.76 3.32 -38.17
CA GLY B 129 39.06 2.81 -38.54
C GLY B 129 39.30 1.41 -38.04
N VAL B 130 40.34 0.79 -38.61
CA VAL B 130 40.65 -0.60 -38.30
C VAL B 130 41.05 -0.75 -36.83
N ASP B 131 42.04 0.04 -36.39
CA ASP B 131 42.48 -0.04 -35.01
C ASP B 131 41.36 0.36 -34.05
N TRP B 132 40.49 1.28 -34.46
CA TRP B 132 39.34 1.63 -33.63
C TRP B 132 38.42 0.44 -33.43
N MET B 133 38.16 -0.31 -34.51
CA MET B 133 37.34 -1.51 -34.39
C MET B 133 38.01 -2.56 -33.52
N ARG B 134 39.34 -2.68 -33.61
CA ARG B 134 40.06 -3.64 -32.78
C ARG B 134 39.99 -3.28 -31.31
N LYS B 135 40.14 -1.98 -30.99
CA LYS B 135 40.04 -1.56 -29.59
C LYS B 135 38.62 -1.66 -29.08
N LEU B 136 37.63 -1.58 -29.97
CA LEU B 136 36.24 -1.77 -29.55
C LEU B 136 35.98 -3.21 -29.14
N ALA B 137 36.50 -4.17 -29.92
CA ALA B 137 36.37 -5.57 -29.55
C ALA B 137 37.13 -5.90 -28.26
N PHE B 138 38.17 -5.12 -27.95
CA PHE B 138 38.85 -5.28 -26.67
C PHE B 138 37.92 -4.95 -25.52
N ARG B 139 37.09 -3.93 -25.68
CA ARG B 139 36.16 -3.54 -24.63
C ARG B 139 35.12 -4.64 -24.37
N TYR B 140 34.42 -5.07 -25.42
CA TYR B 140 33.34 -6.02 -25.25
C TYR B 140 33.85 -7.37 -24.76
N ARG B 141 35.00 -7.82 -25.26
CA ARG B 141 35.55 -9.09 -24.80
C ARG B 141 35.93 -9.02 -23.32
N ARG B 142 36.36 -7.85 -22.85
CA ARG B 142 36.63 -7.69 -21.41
C ARG B 142 35.32 -7.75 -20.61
N VAL B 143 34.26 -7.12 -21.12
CA VAL B 143 32.96 -7.22 -20.46
C VAL B 143 32.51 -8.67 -20.39
N LYS B 144 32.82 -9.44 -21.44
CA LYS B 144 32.56 -10.88 -21.41
C LYS B 144 33.28 -11.54 -20.24
N GLU B 145 34.54 -11.18 -20.02
CA GLU B 145 35.29 -11.72 -18.89
C GLU B 145 34.71 -11.22 -17.57
N MET B 146 34.48 -9.92 -17.46
CA MET B 146 33.93 -9.37 -16.22
C MET B 146 32.56 -9.94 -15.92
N TYR B 147 31.75 -10.19 -16.96
CA TYR B 147 30.46 -10.84 -16.76
C TYR B 147 30.66 -12.27 -16.28
N ASN B 148 31.33 -13.09 -17.08
CA ASN B 148 31.48 -14.51 -16.77
C ASN B 148 32.17 -14.76 -15.45
N THR B 149 33.11 -13.89 -15.07
CA THR B 149 33.86 -14.09 -13.83
C THR B 149 33.02 -13.75 -12.60
N TYR B 150 32.05 -12.86 -12.73
CA TYR B 150 31.32 -12.33 -11.58
C TYR B 150 29.81 -12.52 -11.75
N LYS B 151 29.39 -13.64 -12.34
CA LYS B 151 27.95 -13.92 -12.43
C LYS B 151 27.38 -14.18 -11.04
N ASN B 152 28.04 -15.02 -10.24
CA ASN B 152 27.58 -15.35 -8.91
C ASN B 152 28.10 -14.34 -7.88
N ASN B 153 29.42 -14.26 -7.73
CA ASN B 153 30.01 -13.33 -6.76
C ASN B 153 29.85 -11.89 -7.24
N VAL B 154 28.62 -11.36 -7.12
CA VAL B 154 28.35 -10.00 -7.56
C VAL B 154 29.18 -9.01 -6.75
N GLY B 155 29.54 -9.36 -5.52
CA GLY B 155 30.31 -8.46 -4.69
C GLY B 155 31.66 -8.13 -5.30
N GLY B 156 32.39 -9.15 -5.76
CA GLY B 156 33.78 -8.97 -6.17
C GLY B 156 34.03 -7.81 -7.12
N LEU B 157 33.06 -7.51 -7.98
CA LEU B 157 33.25 -6.42 -8.94
C LEU B 157 33.10 -5.05 -8.28
N ILE B 158 32.04 -4.87 -7.50
CA ILE B 158 31.82 -3.62 -6.79
C ILE B 158 32.28 -3.66 -5.34
N GLY B 159 32.48 -4.85 -4.77
CA GLY B 159 33.06 -4.97 -3.44
C GLY B 159 32.13 -4.62 -2.31
N THR B 160 32.50 -3.59 -1.57
CA THR B 160 31.88 -3.13 -0.34
C THR B 160 32.48 -1.75 -0.10
N PRO B 161 31.67 -0.67 0.01
CA PRO B 161 30.26 -0.40 0.31
C PRO B 161 29.16 -0.78 -0.69
N LYS B 162 29.47 -1.20 -1.91
CA LYS B 162 28.43 -1.24 -2.94
C LYS B 162 27.51 -2.44 -2.80
N ARG B 163 28.06 -3.63 -2.55
CA ARG B 163 27.24 -4.84 -2.62
C ARG B 163 26.22 -4.91 -1.50
N GLU B 164 26.58 -4.47 -0.29
CA GLU B 164 25.63 -4.56 0.81
C GLU B 164 24.59 -3.46 0.75
N THR B 165 24.92 -2.31 0.15
CA THR B 165 23.90 -1.30 -0.13
C THR B 165 22.90 -1.81 -1.16
N TRP B 166 23.37 -2.65 -2.09
CA TRP B 166 22.48 -3.19 -3.12
C TRP B 166 21.50 -4.20 -2.53
N LEU B 167 22.01 -5.18 -1.77
CA LEU B 167 21.14 -6.19 -1.19
C LEU B 167 20.17 -5.58 -0.19
N GLN B 168 20.53 -4.46 0.42
CA GLN B 168 19.57 -3.70 1.21
C GLN B 168 18.48 -3.12 0.33
N LEU B 169 18.86 -2.62 -0.85
CA LEU B 169 17.88 -2.03 -1.77
C LEU B 169 16.95 -3.08 -2.36
N ARG B 170 17.40 -4.33 -2.46
CA ARG B 170 16.56 -5.39 -3.00
C ARG B 170 15.34 -5.62 -2.11
N ALA B 171 15.58 -5.98 -0.85
CA ALA B 171 14.48 -6.29 0.05
C ALA B 171 13.50 -5.13 0.18
N GLU B 172 13.97 -3.90 -0.08
CA GLU B 172 13.07 -2.75 -0.06
C GLU B 172 12.12 -2.78 -1.26
N LEU B 173 12.66 -2.99 -2.47
CA LEU B 173 11.80 -3.00 -3.65
C LEU B 173 11.01 -4.30 -3.74
N GLU B 174 11.64 -5.44 -3.44
CA GLU B 174 10.93 -6.71 -3.50
C GLU B 174 9.78 -6.76 -2.50
N ALA B 175 9.88 -6.02 -1.39
CA ALA B 175 8.74 -5.88 -0.49
C ALA B 175 7.60 -5.12 -1.16
N LEU B 176 7.91 -4.21 -2.07
CA LEU B 176 6.89 -3.53 -2.86
C LEU B 176 6.33 -4.42 -3.95
N THR B 177 7.09 -5.41 -4.41
CA THR B 177 6.69 -6.27 -5.53
C THR B 177 6.50 -7.72 -5.10
N ASP B 178 6.31 -7.97 -3.81
CA ASP B 178 6.03 -9.32 -3.29
C ASP B 178 7.09 -10.33 -3.73
N LEU B 179 8.35 -9.89 -3.74
CA LEU B 179 9.48 -10.72 -4.13
C LEU B 179 9.30 -11.26 -5.56
N TRP B 180 8.95 -10.36 -6.47
CA TRP B 180 8.74 -10.75 -7.86
C TRP B 180 10.04 -11.28 -8.48
N LEU B 181 11.14 -10.52 -8.31
CA LEU B 181 12.41 -10.96 -8.87
C LEU B 181 12.83 -12.31 -8.32
N THR B 182 12.62 -12.53 -7.02
CA THR B 182 12.90 -13.84 -6.43
C THR B 182 11.94 -14.89 -6.96
N HIS B 183 10.66 -14.55 -7.08
CA HIS B 183 9.68 -15.48 -7.64
C HIS B 183 9.99 -15.78 -9.10
N SER B 184 10.33 -14.75 -9.88
CA SER B 184 10.70 -14.97 -11.27
C SER B 184 11.99 -15.76 -11.38
N LEU B 185 12.91 -15.60 -10.42
CA LEU B 185 14.14 -16.38 -10.44
C LEU B 185 13.90 -17.84 -10.06
N LYS B 186 12.79 -18.13 -9.37
CA LYS B 186 12.40 -19.52 -9.15
C LYS B 186 12.20 -20.24 -10.47
N ALA B 187 11.32 -19.70 -11.31
CA ALA B 187 11.10 -20.28 -12.63
C ALA B 187 12.34 -20.13 -13.52
N LEU B 188 13.11 -19.06 -13.32
CA LEU B 188 14.34 -18.88 -14.10
C LEU B 188 15.35 -19.98 -13.79
N ASN B 189 15.62 -20.20 -12.50
CA ASN B 189 16.55 -21.26 -12.10
C ASN B 189 15.98 -22.65 -12.38
N LEU B 190 14.65 -22.79 -12.46
CA LEU B 190 14.07 -24.08 -12.80
C LEU B 190 14.44 -24.49 -14.22
N ILE B 191 14.45 -23.54 -15.16
CA ILE B 191 14.79 -23.85 -16.54
C ILE B 191 16.30 -24.04 -16.68
N ASN B 192 17.08 -23.26 -15.94
CA ASN B 192 18.53 -23.26 -16.13
C ASN B 192 19.14 -24.63 -15.83
N SER B 193 18.68 -25.27 -14.75
CA SER B 193 19.23 -26.57 -14.38
C SER B 193 18.86 -27.67 -15.37
N ARG B 194 17.78 -27.49 -16.12
CA ARG B 194 17.36 -28.50 -17.08
C ARG B 194 18.28 -28.50 -18.30
N PRO B 195 18.74 -29.66 -18.75
CA PRO B 195 19.44 -29.72 -20.03
C PRO B 195 18.46 -29.65 -21.19
N ASN B 196 18.99 -29.26 -22.35
CA ASN B 196 18.22 -29.02 -23.56
C ASN B 196 17.19 -27.91 -23.40
N CYS B 197 17.25 -27.16 -22.30
CA CYS B 197 16.37 -26.02 -22.05
C CYS B 197 17.24 -24.88 -21.56
N VAL B 198 17.40 -23.84 -22.39
CA VAL B 198 18.29 -22.73 -22.09
C VAL B 198 17.47 -21.45 -22.01
N ASN B 199 18.04 -20.45 -21.36
CA ASN B 199 17.41 -19.14 -21.16
C ASN B 199 18.12 -18.10 -22.01
N VAL B 200 17.35 -17.32 -22.76
CA VAL B 200 17.87 -16.17 -23.49
C VAL B 200 17.02 -14.96 -23.14
N LEU B 201 17.62 -13.78 -23.27
CA LEU B 201 16.99 -12.53 -22.87
C LEU B 201 17.02 -11.53 -24.02
N VAL B 202 15.85 -10.99 -24.36
CA VAL B 202 15.70 -9.96 -25.37
C VAL B 202 15.10 -8.73 -24.71
N THR B 203 15.76 -7.58 -24.85
CA THR B 203 15.34 -6.37 -24.19
C THR B 203 15.55 -5.17 -25.10
N THR B 204 14.68 -4.16 -24.94
CA THR B 204 14.82 -2.89 -25.63
C THR B 204 15.76 -1.93 -24.93
N THR B 205 16.63 -2.43 -24.06
CA THR B 205 17.62 -1.63 -23.37
C THR B 205 18.97 -1.76 -24.08
N GLN B 206 19.78 -0.71 -23.99
CA GLN B 206 21.14 -0.78 -24.50
C GLN B 206 21.88 -1.92 -23.82
N LEU B 207 22.80 -2.54 -24.57
CA LEU B 207 23.43 -3.77 -24.11
C LEU B 207 24.19 -3.56 -22.81
N ILE B 208 25.04 -2.53 -22.76
CA ILE B 208 25.89 -2.33 -21.59
C ILE B 208 25.10 -2.10 -20.32
N PRO B 209 24.10 -1.19 -20.28
CA PRO B 209 23.29 -1.09 -19.05
C PRO B 209 22.44 -2.31 -18.80
N ALA B 210 21.99 -3.01 -19.85
CA ALA B 210 21.26 -4.25 -19.65
C ALA B 210 22.14 -5.30 -18.99
N LEU B 211 23.43 -5.34 -19.35
CA LEU B 211 24.35 -6.25 -18.69
C LEU B 211 24.56 -5.89 -17.23
N ALA B 212 24.48 -4.59 -16.89
CA ALA B 212 24.68 -4.17 -15.51
C ALA B 212 23.53 -4.64 -14.62
N LYS B 213 22.29 -4.49 -15.09
CA LYS B 213 21.15 -4.92 -14.29
C LYS B 213 21.14 -6.43 -14.10
N VAL B 214 21.49 -7.18 -15.15
CA VAL B 214 21.50 -8.64 -15.05
C VAL B 214 22.52 -9.10 -14.02
N LEU B 215 23.66 -8.42 -13.93
CA LEU B 215 24.66 -8.77 -12.94
C LEU B 215 24.21 -8.39 -11.54
N LEU B 216 23.69 -7.16 -11.38
CA LEU B 216 23.22 -6.71 -10.07
C LEU B 216 22.08 -7.58 -9.56
N TYR B 217 21.09 -7.83 -10.41
CA TYR B 217 19.85 -8.51 -10.01
C TYR B 217 20.03 -10.02 -9.82
N GLY B 218 21.26 -10.53 -9.91
CA GLY B 218 21.50 -11.95 -9.83
C GLY B 218 21.05 -12.76 -11.01
N LEU B 219 20.60 -12.10 -12.09
CA LEU B 219 20.16 -12.81 -13.29
C LEU B 219 21.33 -13.35 -14.11
N GLY B 220 22.56 -12.90 -13.82
CA GLY B 220 23.71 -13.41 -14.55
C GLY B 220 23.97 -14.88 -14.32
N SER B 221 23.43 -15.45 -13.25
CA SER B 221 23.62 -16.87 -12.99
C SER B 221 22.81 -17.72 -13.97
N VAL B 222 21.60 -17.27 -14.32
CA VAL B 222 20.72 -18.04 -15.18
C VAL B 222 20.73 -17.58 -16.63
N PHE B 223 21.35 -16.44 -16.92
CA PHE B 223 21.46 -15.96 -18.29
C PHE B 223 22.91 -15.99 -18.74
N PRO B 224 23.28 -16.83 -19.72
CA PRO B 224 24.62 -16.74 -20.29
C PRO B 224 24.81 -15.42 -21.02
N ILE B 225 26.05 -14.93 -21.00
CA ILE B 225 26.36 -13.66 -21.65
C ILE B 225 26.06 -13.74 -23.14
N GLU B 226 26.18 -14.92 -23.75
CA GLU B 226 25.88 -15.09 -25.15
C GLU B 226 24.38 -15.09 -25.44
N ASN B 227 23.54 -15.11 -24.42
CA ASN B 227 22.09 -15.21 -24.61
C ASN B 227 21.36 -13.91 -24.26
N ILE B 228 22.05 -12.77 -24.31
CA ILE B 228 21.45 -11.47 -24.03
C ILE B 228 21.50 -10.64 -25.31
N TYR B 229 20.34 -10.24 -25.80
CA TYR B 229 20.21 -9.50 -27.05
C TYR B 229 19.56 -8.15 -26.78
N SER B 230 20.19 -7.10 -27.28
CA SER B 230 19.68 -5.73 -27.15
C SER B 230 18.94 -5.35 -28.42
N ALA B 231 17.64 -5.06 -28.29
CA ALA B 231 16.80 -4.71 -29.42
C ALA B 231 16.56 -3.20 -29.52
N THR B 232 17.52 -2.39 -29.07
CA THR B 232 17.37 -0.95 -29.17
C THR B 232 17.31 -0.49 -30.61
N LYS B 233 18.24 -0.97 -31.43
CA LYS B 233 18.38 -0.47 -32.79
C LYS B 233 17.66 -1.36 -33.81
N THR B 234 17.70 -2.67 -33.62
CA THR B 234 17.16 -3.59 -34.61
C THR B 234 15.70 -3.96 -34.38
N GLY B 235 15.18 -3.71 -33.19
CA GLY B 235 13.81 -4.11 -32.91
C GLY B 235 13.73 -5.53 -32.39
N LYS B 236 12.69 -5.81 -31.61
CA LYS B 236 12.56 -7.11 -30.98
C LYS B 236 12.21 -8.20 -31.99
N GLU B 237 11.36 -7.86 -32.98
CA GLU B 237 11.00 -8.85 -33.98
C GLU B 237 12.23 -9.31 -34.77
N SER B 238 13.08 -8.36 -35.18
CA SER B 238 14.30 -8.72 -35.88
C SER B 238 15.24 -9.51 -34.99
N CYS B 239 15.17 -9.30 -33.66
CA CYS B 239 15.98 -10.09 -32.74
C CYS B 239 15.50 -11.54 -32.71
N PHE B 240 14.18 -11.75 -32.71
CA PHE B 240 13.64 -13.11 -32.63
C PHE B 240 14.15 -13.97 -33.78
N GLU B 241 14.23 -13.42 -34.98
CA GLU B 241 14.73 -14.18 -36.12
C GLU B 241 16.21 -14.49 -35.97
N ARG B 242 16.97 -13.62 -35.29
CA ARG B 242 18.39 -13.87 -35.08
C ARG B 242 18.61 -15.09 -34.19
N ILE B 243 17.85 -15.20 -33.10
CA ILE B 243 18.00 -16.34 -32.21
C ILE B 243 17.47 -17.61 -32.88
N MET B 244 16.40 -17.47 -33.67
CA MET B 244 15.82 -18.63 -34.35
C MET B 244 16.77 -19.20 -35.39
N GLN B 245 17.56 -18.34 -36.05
CA GLN B 245 18.60 -18.81 -36.94
C GLN B 245 19.70 -19.56 -36.17
N ARG B 246 19.98 -19.13 -34.94
CA ARG B 246 21.07 -19.72 -34.16
C ARG B 246 20.75 -21.17 -33.80
N PHE B 247 19.59 -21.41 -33.22
CA PHE B 247 19.21 -22.76 -32.78
C PHE B 247 18.48 -23.54 -33.85
N GLY B 248 18.33 -22.99 -35.06
CA GLY B 248 17.65 -23.70 -36.12
C GLY B 248 16.17 -23.85 -35.88
N ARG B 249 15.53 -24.58 -36.79
CA ARG B 249 14.10 -24.84 -36.71
C ARG B 249 13.78 -26.09 -35.88
N LYS B 250 14.78 -26.73 -35.30
CA LYS B 250 14.58 -27.96 -34.52
C LYS B 250 14.55 -27.65 -33.03
N ALA B 251 13.72 -26.68 -32.64
CA ALA B 251 13.59 -26.30 -31.25
C ALA B 251 12.23 -25.68 -31.01
N VAL B 252 11.72 -25.85 -29.80
CA VAL B 252 10.43 -25.29 -29.40
C VAL B 252 10.72 -23.91 -28.77
N TYR B 253 10.50 -22.86 -29.55
CA TYR B 253 10.73 -21.51 -29.08
C TYR B 253 9.52 -21.01 -28.32
N VAL B 254 9.69 -20.75 -27.03
CA VAL B 254 8.62 -20.27 -26.16
C VAL B 254 8.99 -18.87 -25.68
N VAL B 255 8.07 -17.92 -25.84
CA VAL B 255 8.30 -16.53 -25.46
C VAL B 255 7.57 -16.27 -24.15
N ILE B 256 8.26 -15.64 -23.20
CA ILE B 256 7.71 -15.32 -21.89
C ILE B 256 7.93 -13.83 -21.65
N GLY B 257 6.85 -13.07 -21.56
CA GLY B 257 6.99 -11.63 -21.36
C GLY B 257 5.72 -11.03 -20.79
N ASP B 258 5.79 -9.74 -20.49
CA ASP B 258 4.69 -8.99 -19.93
C ASP B 258 4.09 -7.99 -20.91
N GLY B 259 4.93 -7.18 -21.54
CA GLY B 259 4.45 -6.23 -22.52
C GLY B 259 3.85 -6.92 -23.73
N VAL B 260 3.16 -6.13 -24.55
CA VAL B 260 2.53 -6.67 -25.74
C VAL B 260 3.44 -6.63 -26.97
N GLU B 261 4.52 -5.85 -26.93
CA GLU B 261 5.42 -5.77 -28.07
C GLU B 261 6.05 -7.13 -28.37
N GLU B 262 6.47 -7.85 -27.32
CA GLU B 262 6.98 -9.21 -27.52
C GLU B 262 5.87 -10.18 -27.90
N GLU B 263 4.61 -9.84 -27.61
CA GLU B 263 3.50 -10.71 -27.98
C GLU B 263 3.20 -10.64 -29.46
N GLN B 264 3.13 -9.42 -30.02
CA GLN B 264 2.86 -9.28 -31.45
C GLN B 264 3.96 -9.90 -32.30
N GLY B 265 5.20 -9.86 -31.82
CA GLY B 265 6.30 -10.49 -32.54
C GLY B 265 6.23 -12.00 -32.51
N ALA B 266 5.61 -12.57 -31.48
CA ALA B 266 5.43 -14.02 -31.42
C ALA B 266 4.39 -14.49 -32.42
N LYS B 267 3.39 -13.66 -32.72
CA LYS B 267 2.40 -14.01 -33.72
C LYS B 267 3.00 -14.05 -35.13
N LYS B 268 4.13 -13.38 -35.35
CA LYS B 268 4.76 -13.37 -36.66
C LYS B 268 5.55 -14.64 -36.96
N HIS B 269 5.96 -15.40 -35.92
CA HIS B 269 6.79 -16.58 -36.12
C HIS B 269 6.22 -17.80 -35.43
N ASN B 270 4.93 -17.81 -35.13
CA ASN B 270 4.24 -18.98 -34.56
C ASN B 270 4.90 -19.43 -33.25
N MET B 271 5.38 -18.48 -32.47
CA MET B 271 5.98 -18.83 -31.18
C MET B 271 4.92 -18.75 -30.09
N PRO B 272 4.75 -19.81 -29.29
CA PRO B 272 3.84 -19.72 -28.14
C PRO B 272 4.33 -18.67 -27.16
N PHE B 273 3.51 -17.66 -26.94
CA PHE B 273 3.86 -16.53 -26.09
C PHE B 273 3.16 -16.69 -24.73
N TRP B 274 3.95 -16.96 -23.69
CA TRP B 274 3.44 -17.09 -22.33
C TRP B 274 3.30 -15.70 -21.71
N ARG B 275 2.06 -15.24 -21.55
CA ARG B 275 1.83 -13.94 -20.95
C ARG B 275 2.05 -14.00 -19.44
N ILE B 276 2.97 -13.19 -18.95
CA ILE B 276 3.23 -13.06 -17.53
C ILE B 276 2.87 -11.62 -17.14
N SER B 277 1.86 -11.47 -16.29
CA SER B 277 1.42 -10.14 -15.90
C SER B 277 1.03 -10.03 -14.43
N CYS B 278 0.97 -11.14 -13.68
CA CYS B 278 0.72 -11.10 -12.26
C CYS B 278 1.41 -12.30 -11.62
N HIS B 279 1.30 -12.41 -10.30
CA HIS B 279 2.03 -13.45 -9.59
C HIS B 279 1.46 -14.84 -9.87
N ALA B 280 0.14 -14.93 -10.04
CA ALA B 280 -0.47 -16.24 -10.31
C ALA B 280 0.03 -16.82 -11.62
N ASP B 281 0.36 -15.97 -12.59
CA ASP B 281 0.97 -16.46 -13.83
C ASP B 281 2.35 -17.06 -13.56
N LEU B 282 3.13 -16.42 -12.66
CA LEU B 282 4.42 -16.99 -12.27
C LEU B 282 4.24 -18.33 -11.59
N GLU B 283 3.24 -18.45 -10.72
CA GLU B 283 2.96 -19.73 -10.08
C GLU B 283 2.52 -20.76 -11.11
N ALA B 284 1.60 -20.37 -12.00
CA ALA B 284 1.16 -21.29 -13.05
C ALA B 284 2.30 -21.68 -13.97
N LEU B 285 3.20 -20.72 -14.27
CA LEU B 285 4.38 -21.04 -15.05
C LEU B 285 5.31 -21.98 -14.28
N ARG B 286 5.65 -21.60 -13.04
CA ARG B 286 6.53 -22.44 -12.23
C ARG B 286 5.94 -23.83 -12.03
N HIS B 287 4.61 -23.92 -11.89
CA HIS B 287 3.97 -25.23 -11.79
C HIS B 287 4.12 -26.01 -13.08
N ALA B 288 3.93 -25.36 -14.22
CA ALA B 288 3.99 -26.06 -15.51
C ALA B 288 5.35 -26.67 -15.75
N LEU B 289 6.42 -25.95 -15.38
CA LEU B 289 7.77 -26.50 -15.55
C LEU B 289 8.12 -27.49 -14.45
N GLU B 290 7.59 -27.29 -13.24
CA GLU B 290 7.81 -28.25 -12.17
C GLU B 290 7.22 -29.61 -12.52
N LEU B 291 5.97 -29.62 -12.98
CA LEU B 291 5.27 -30.85 -13.35
C LEU B 291 5.72 -31.41 -14.69
N GLU B 292 6.80 -30.89 -15.27
CA GLU B 292 7.37 -31.32 -16.55
C GLU B 292 6.45 -31.06 -17.73
N TYR B 293 5.34 -30.36 -17.52
CA TYR B 293 4.37 -30.10 -18.59
C TYR B 293 4.93 -29.17 -19.67
N LEU B 294 6.16 -28.72 -19.53
CA LEU B 294 6.77 -27.84 -20.52
C LEU B 294 8.23 -28.27 -20.72
N GLU C 24 -29.05 -4.58 26.75
CA GLU C 24 -29.69 -4.73 28.06
C GLU C 24 -28.96 -5.77 28.92
N ARG C 25 -29.02 -7.03 28.48
CA ARG C 25 -28.35 -8.12 29.15
C ARG C 25 -27.42 -8.80 28.16
N VAL C 26 -26.15 -8.92 28.54
CA VAL C 26 -25.12 -9.53 27.70
C VAL C 26 -24.59 -10.76 28.41
N PHE C 27 -24.58 -11.90 27.72
CA PHE C 27 -24.10 -13.16 28.29
C PHE C 27 -22.81 -13.55 27.57
N VAL C 28 -21.70 -13.51 28.29
CA VAL C 28 -20.40 -13.87 27.74
C VAL C 28 -20.15 -15.35 28.02
N TRP C 29 -19.97 -16.12 26.94
CA TRP C 29 -19.78 -17.56 27.03
C TRP C 29 -18.32 -17.92 26.80
N ASP C 30 -17.82 -18.87 27.58
CA ASP C 30 -16.50 -19.46 27.38
C ASP C 30 -16.70 -20.97 27.34
N LEU C 31 -16.77 -21.53 26.14
CA LEU C 31 -17.03 -22.95 25.95
C LEU C 31 -15.77 -23.73 25.60
N ASP C 32 -14.59 -23.18 25.89
CA ASP C 32 -13.36 -23.94 25.75
C ASP C 32 -13.34 -25.11 26.74
N GLU C 33 -12.49 -26.09 26.43
CA GLU C 33 -12.30 -27.34 27.19
C GLU C 33 -13.59 -28.15 27.33
N THR C 34 -14.65 -27.80 26.61
CA THR C 34 -15.91 -28.52 26.68
C THR C 34 -16.54 -28.66 25.30
N ILE C 35 -16.53 -27.59 24.51
CA ILE C 35 -17.11 -27.60 23.18
C ILE C 35 -16.11 -27.08 22.15
N ILE C 36 -15.63 -25.85 22.35
CA ILE C 36 -14.78 -25.21 21.36
C ILE C 36 -13.42 -25.88 21.31
N ILE C 37 -12.83 -26.18 22.47
CA ILE C 37 -11.53 -26.84 22.51
C ILE C 37 -11.72 -28.32 22.82
N PHE C 38 -12.22 -28.61 24.02
CA PHE C 38 -12.45 -29.98 24.48
C PHE C 38 -11.19 -30.82 24.32
N HIS C 39 -10.07 -30.29 24.82
CA HIS C 39 -8.82 -31.05 24.80
C HIS C 39 -8.86 -32.26 25.71
N SER C 40 -9.90 -32.40 26.55
CA SER C 40 -10.04 -33.57 27.40
C SER C 40 -10.30 -34.84 26.59
N LEU C 41 -10.92 -34.69 25.41
CA LEU C 41 -11.15 -35.85 24.54
C LEU C 41 -9.83 -36.46 24.08
N LEU C 42 -8.95 -35.62 23.53
CA LEU C 42 -7.75 -36.14 22.86
C LEU C 42 -6.72 -36.66 23.86
N THR C 43 -6.64 -36.06 25.05
CA THR C 43 -5.70 -36.53 26.06
C THR C 43 -6.14 -37.87 26.66
N GLY C 44 -7.43 -38.22 26.55
CA GLY C 44 -7.94 -39.43 27.14
C GLY C 44 -8.38 -39.30 28.59
N THR C 45 -8.17 -38.13 29.20
CA THR C 45 -8.57 -37.93 30.59
C THR C 45 -10.07 -37.72 30.75
N PHE C 46 -10.77 -37.39 29.67
CA PHE C 46 -12.22 -37.20 29.76
C PHE C 46 -12.93 -38.51 30.08
N ALA C 47 -12.62 -39.57 29.32
CA ALA C 47 -13.32 -40.83 29.51
C ALA C 47 -12.93 -41.49 30.83
N SER C 48 -11.67 -41.34 31.25
CA SER C 48 -11.27 -41.87 32.55
C SER C 48 -11.98 -41.14 33.68
N ARG C 49 -12.31 -39.87 33.48
CA ARG C 49 -12.98 -39.08 34.51
C ARG C 49 -14.46 -39.40 34.61
N TYR C 50 -15.09 -39.74 33.49
CA TYR C 50 -16.52 -40.02 33.45
C TYR C 50 -16.83 -41.49 33.17
N GLY C 51 -15.83 -42.36 33.21
CA GLY C 51 -16.04 -43.78 33.02
C GLY C 51 -16.53 -44.15 31.63
N LYS C 52 -15.82 -43.70 30.60
CA LYS C 52 -16.18 -43.99 29.22
C LYS C 52 -15.00 -44.68 28.52
N ASP C 53 -15.28 -45.18 27.33
CA ASP C 53 -14.25 -45.81 26.51
C ASP C 53 -13.29 -44.74 25.99
N THR C 54 -12.05 -44.76 26.48
CA THR C 54 -11.09 -43.72 26.08
C THR C 54 -10.65 -43.89 24.64
N THR C 55 -10.57 -45.12 24.14
CA THR C 55 -10.18 -45.32 22.74
C THR C 55 -11.22 -44.75 21.81
N THR C 56 -12.49 -45.10 22.02
CA THR C 56 -13.57 -44.54 21.21
C THR C 56 -13.63 -43.02 21.35
N SER C 57 -13.36 -42.51 22.56
CA SER C 57 -13.40 -41.07 22.79
C SER C 57 -12.32 -40.36 21.97
N VAL C 58 -11.08 -40.85 22.05
CA VAL C 58 -10.00 -40.23 21.30
C VAL C 58 -10.21 -40.40 19.79
N ARG C 59 -10.80 -41.52 19.38
CA ARG C 59 -11.07 -41.75 17.97
C ARG C 59 -12.03 -40.72 17.42
N ILE C 60 -13.14 -40.47 18.13
CA ILE C 60 -14.11 -39.49 17.67
C ILE C 60 -13.52 -38.09 17.69
N GLY C 61 -12.64 -37.80 18.65
CA GLY C 61 -12.03 -36.48 18.71
C GLY C 61 -11.13 -36.19 17.52
N LEU C 62 -10.29 -37.16 17.17
CA LEU C 62 -9.43 -36.99 16.01
C LEU C 62 -10.23 -36.92 14.72
N MET C 63 -11.31 -37.70 14.63
CA MET C 63 -12.17 -37.64 13.45
C MET C 63 -12.93 -36.32 13.38
N MET C 64 -13.16 -35.67 14.51
CA MET C 64 -13.77 -34.35 14.49
C MET C 64 -12.75 -33.28 14.13
N GLU C 65 -11.52 -33.42 14.62
CA GLU C 65 -10.48 -32.47 14.28
C GLU C 65 -10.14 -32.52 12.79
N GLU C 66 -10.23 -33.69 12.17
CA GLU C 66 -9.97 -33.78 10.74
C GLU C 66 -11.08 -33.15 9.92
N MET C 67 -12.31 -33.17 10.42
CA MET C 67 -13.41 -32.52 9.71
C MET C 67 -13.40 -31.00 9.95
N ILE C 68 -13.03 -30.58 11.17
CA ILE C 68 -12.93 -29.16 11.45
C ILE C 68 -11.82 -28.52 10.63
N PHE C 69 -10.64 -29.14 10.63
CA PHE C 69 -9.53 -28.61 9.84
C PHE C 69 -9.87 -28.59 8.35
N ASN C 70 -10.51 -29.66 7.86
CA ASN C 70 -10.82 -29.73 6.44
C ASN C 70 -11.83 -28.67 6.02
N LEU C 71 -12.86 -28.45 6.84
CA LEU C 71 -13.84 -27.42 6.51
C LEU C 71 -13.20 -26.04 6.51
N ALA C 72 -12.28 -25.80 7.44
CA ALA C 72 -11.64 -24.49 7.51
C ALA C 72 -10.72 -24.26 6.31
N ASP C 73 -9.95 -25.27 5.91
CA ASP C 73 -9.03 -25.10 4.80
C ASP C 73 -9.76 -25.04 3.47
N THR C 74 -10.79 -25.86 3.29
CA THR C 74 -11.47 -25.93 2.00
C THR C 74 -12.36 -24.71 1.78
N HIS C 75 -13.05 -24.25 2.82
CA HIS C 75 -14.01 -23.16 2.69
C HIS C 75 -13.58 -21.85 3.32
N LEU C 76 -13.00 -21.89 4.52
CA LEU C 76 -12.71 -20.67 5.28
C LEU C 76 -11.26 -20.18 5.11
N PHE C 77 -10.60 -20.59 4.03
CA PHE C 77 -9.28 -20.06 3.66
C PHE C 77 -8.25 -20.27 4.76
N PHE C 78 -8.32 -21.39 5.47
CA PHE C 78 -7.53 -21.56 6.69
C PHE C 78 -6.02 -21.57 6.43
N ASN C 79 -5.57 -21.83 5.20
CA ASN C 79 -4.14 -21.95 4.98
C ASN C 79 -3.46 -20.59 4.89
N ASP C 80 -4.05 -19.64 4.17
CA ASP C 80 -3.40 -18.34 4.00
C ASP C 80 -3.44 -17.53 5.29
N LEU C 81 -4.54 -17.62 6.04
CA LEU C 81 -4.78 -16.77 7.20
C LEU C 81 -4.28 -17.35 8.50
N GLU C 82 -3.64 -18.53 8.47
CA GLU C 82 -3.45 -19.32 9.68
C GLU C 82 -2.56 -18.64 10.72
N ASP C 83 -1.68 -17.73 10.30
CA ASP C 83 -0.72 -17.12 11.22
C ASP C 83 -1.01 -15.66 11.49
N CYS C 84 -2.04 -15.08 10.88
CA CYS C 84 -2.43 -13.69 11.12
C CYS C 84 -3.86 -13.62 11.63
N ASP C 85 -4.24 -14.55 12.50
CA ASP C 85 -5.59 -14.60 13.03
C ASP C 85 -5.88 -13.39 13.89
N GLN C 86 -6.87 -12.59 13.49
CA GLN C 86 -7.23 -11.38 14.21
C GLN C 86 -8.12 -11.72 15.42
N ILE C 87 -8.83 -10.73 15.95
CA ILE C 87 -9.62 -10.91 17.17
C ILE C 87 -11.09 -10.94 16.79
N HIS C 88 -11.45 -10.23 15.72
CA HIS C 88 -12.84 -10.11 15.33
C HIS C 88 -12.94 -10.22 13.81
N VAL C 89 -14.15 -10.49 13.33
CA VAL C 89 -14.40 -10.60 11.90
C VAL C 89 -14.33 -9.21 11.26
N ASP C 90 -15.01 -8.23 11.85
CA ASP C 90 -15.00 -6.86 11.35
C ASP C 90 -13.87 -6.02 11.94
N ASP C 91 -12.79 -6.66 12.39
CA ASP C 91 -11.65 -5.91 12.92
C ASP C 91 -10.88 -5.17 11.84
N VAL C 92 -11.17 -5.41 10.58
CA VAL C 92 -10.51 -4.73 9.46
C VAL C 92 -11.57 -3.98 8.67
N SER C 93 -11.49 -2.65 8.69
CA SER C 93 -12.32 -1.80 7.85
C SER C 93 -11.47 -0.93 6.93
N SER C 94 -10.14 -1.16 6.91
CA SER C 94 -9.26 -0.37 6.07
C SER C 94 -9.51 -0.64 4.58
N ASP C 95 -10.14 -1.76 4.23
CA ASP C 95 -10.39 -2.10 2.84
C ASP C 95 -11.72 -2.84 2.74
N ASP C 96 -12.81 -2.13 3.03
CA ASP C 96 -14.15 -2.59 2.74
C ASP C 96 -14.72 -1.73 1.61
N ASN C 97 -14.22 -1.97 0.41
CA ASN C 97 -14.49 -1.11 -0.73
C ASN C 97 -15.86 -1.34 -1.35
N GLY C 98 -16.49 -2.48 -1.09
CA GLY C 98 -17.84 -2.73 -1.55
C GLY C 98 -17.96 -3.48 -2.86
N GLN C 99 -16.86 -4.02 -3.38
CA GLN C 99 -16.91 -4.76 -4.63
C GLN C 99 -17.69 -6.06 -4.49
N ASP C 100 -18.41 -6.43 -5.54
CA ASP C 100 -19.06 -7.73 -5.60
C ASP C 100 -17.99 -8.81 -5.72
N LEU C 101 -17.79 -9.56 -4.63
CA LEU C 101 -16.80 -10.63 -4.60
C LEU C 101 -17.36 -11.97 -5.05
N SER C 102 -18.55 -11.98 -5.64
CA SER C 102 -19.16 -13.24 -6.07
C SER C 102 -18.38 -13.88 -7.21
N THR C 103 -18.05 -13.10 -8.24
CA THR C 103 -17.26 -13.59 -9.36
C THR C 103 -15.76 -13.57 -9.08
N TYR C 104 -15.35 -13.04 -7.93
CA TYR C 104 -13.93 -12.99 -7.58
C TYR C 104 -13.40 -14.40 -7.31
N ASN C 105 -12.17 -14.64 -7.76
CA ASN C 105 -11.49 -15.92 -7.53
C ASN C 105 -10.41 -15.68 -6.47
N PHE C 106 -10.58 -16.32 -5.31
CA PHE C 106 -9.69 -16.10 -4.18
C PHE C 106 -8.37 -16.86 -4.32
N SER C 107 -8.29 -17.84 -5.22
CA SER C 107 -7.06 -18.61 -5.37
C SER C 107 -5.91 -17.74 -5.84
N ALA C 108 -6.21 -16.65 -6.54
CA ALA C 108 -5.18 -15.72 -6.97
C ALA C 108 -4.59 -15.00 -5.75
N ASP C 109 -3.55 -14.19 -6.01
CA ASP C 109 -2.80 -13.48 -4.99
C ASP C 109 -2.22 -14.46 -3.97
N GLY C 110 -1.28 -15.26 -4.46
CA GLY C 110 -0.55 -16.19 -3.62
C GLY C 110 0.18 -15.48 -2.50
N PHE C 111 -0.37 -15.52 -1.30
CA PHE C 111 0.18 -14.80 -0.16
C PHE C 111 1.60 -15.25 0.15
N MET C 133 -3.26 -5.70 2.56
CA MET C 133 -4.25 -5.89 3.61
C MET C 133 -5.66 -5.92 3.03
N ARG C 134 -5.79 -5.53 1.76
CA ARG C 134 -7.10 -5.55 1.13
C ARG C 134 -7.52 -6.97 0.78
N LYS C 135 -6.57 -7.80 0.33
CA LYS C 135 -6.89 -9.18 -0.01
C LYS C 135 -7.25 -10.00 1.23
N LEU C 136 -6.87 -9.55 2.42
CA LEU C 136 -7.22 -10.27 3.64
C LEU C 136 -8.62 -9.91 4.10
N ALA C 137 -9.01 -8.64 3.98
CA ALA C 137 -10.35 -8.23 4.38
C ALA C 137 -11.43 -8.82 3.47
N PHE C 138 -11.08 -9.20 2.25
CA PHE C 138 -12.06 -9.79 1.34
C PHE C 138 -12.55 -11.14 1.85
N ARG C 139 -11.62 -11.98 2.30
CA ARG C 139 -12.00 -13.31 2.78
C ARG C 139 -12.93 -13.22 3.98
N TYR C 140 -12.67 -12.27 4.88
CA TYR C 140 -13.55 -12.10 6.05
C TYR C 140 -14.94 -11.67 5.63
N ARG C 141 -15.05 -10.90 4.54
CA ARG C 141 -16.37 -10.53 4.03
C ARG C 141 -17.08 -11.73 3.43
N ARG C 142 -16.33 -12.63 2.79
CA ARG C 142 -16.93 -13.85 2.26
C ARG C 142 -17.21 -14.86 3.35
N VAL C 143 -16.28 -15.00 4.31
CA VAL C 143 -16.51 -15.90 5.44
C VAL C 143 -17.75 -15.48 6.21
N LYS C 144 -17.92 -14.17 6.42
CA LYS C 144 -19.11 -13.66 7.11
C LYS C 144 -20.36 -13.94 6.30
N GLU C 145 -20.30 -13.76 4.98
CA GLU C 145 -21.44 -14.08 4.13
C GLU C 145 -21.75 -15.58 4.19
N MET C 146 -20.72 -16.42 4.10
CA MET C 146 -20.94 -17.86 4.16
C MET C 146 -21.45 -18.28 5.54
N TYR C 147 -20.99 -17.60 6.60
CA TYR C 147 -21.52 -17.86 7.93
C TYR C 147 -23.01 -17.51 7.99
N ASN C 148 -23.37 -16.28 7.62
CA ASN C 148 -24.75 -15.84 7.75
C ASN C 148 -25.70 -16.58 6.82
N THR C 149 -25.20 -17.04 5.66
CA THR C 149 -26.07 -17.71 4.70
C THR C 149 -26.23 -19.20 4.96
N TYR C 150 -25.25 -19.84 5.60
CA TYR C 150 -25.25 -21.29 5.78
C TYR C 150 -25.02 -21.69 7.22
N LYS C 151 -25.41 -20.86 8.19
CA LYS C 151 -25.30 -21.26 9.59
C LYS C 151 -26.43 -22.19 9.99
N ASN C 152 -27.63 -21.98 9.46
CA ASN C 152 -28.76 -22.86 9.69
C ASN C 152 -28.87 -23.96 8.65
N ASN C 153 -27.99 -23.97 7.64
CA ASN C 153 -27.97 -25.00 6.61
C ASN C 153 -26.50 -25.32 6.34
N VAL C 154 -25.98 -26.32 7.06
CA VAL C 154 -24.60 -26.74 6.84
C VAL C 154 -24.45 -27.64 5.62
N GLY C 155 -25.56 -28.19 5.12
CA GLY C 155 -25.49 -29.04 3.94
C GLY C 155 -25.09 -28.26 2.70
N GLY C 156 -25.50 -26.99 2.61
CA GLY C 156 -25.14 -26.18 1.46
C GLY C 156 -23.68 -25.82 1.39
N LEU C 157 -22.94 -26.02 2.48
CA LEU C 157 -21.53 -25.69 2.56
C LEU C 157 -20.62 -26.87 2.28
N ILE C 158 -20.95 -28.06 2.79
CA ILE C 158 -20.07 -29.22 2.72
C ILE C 158 -20.73 -30.42 2.06
N GLY C 159 -21.94 -30.27 1.55
CA GLY C 159 -22.63 -31.37 0.93
C GLY C 159 -23.45 -32.16 1.91
N THR C 160 -23.79 -33.38 1.51
CA THR C 160 -24.66 -34.23 2.30
C THR C 160 -24.08 -35.63 2.56
N PRO C 161 -22.88 -35.99 2.04
CA PRO C 161 -22.16 -37.09 2.70
C PRO C 161 -21.41 -36.60 3.93
N LYS C 162 -20.86 -35.38 3.83
CA LYS C 162 -20.16 -34.79 4.97
C LYS C 162 -21.13 -34.29 6.04
N ARG C 163 -22.34 -33.86 5.64
CA ARG C 163 -23.35 -33.52 6.64
C ARG C 163 -23.77 -34.76 7.42
N GLU C 164 -24.01 -35.87 6.72
CA GLU C 164 -24.39 -37.10 7.41
C GLU C 164 -23.25 -37.63 8.26
N THR C 165 -22.02 -37.61 7.73
CA THR C 165 -20.87 -38.13 8.47
C THR C 165 -20.64 -37.34 9.75
N TRP C 166 -20.65 -36.00 9.65
CA TRP C 166 -20.49 -35.20 10.85
C TRP C 166 -21.67 -35.34 11.79
N LEU C 167 -22.90 -35.38 11.24
CA LEU C 167 -24.07 -35.63 12.08
C LEU C 167 -23.97 -36.96 12.80
N GLN C 168 -23.29 -37.93 12.18
CA GLN C 168 -23.05 -39.21 12.86
C GLN C 168 -22.08 -39.04 14.01
N LEU C 169 -21.04 -38.21 13.83
CA LEU C 169 -20.08 -37.99 14.90
C LEU C 169 -20.70 -37.23 16.07
N ARG C 170 -21.72 -36.41 15.81
CA ARG C 170 -22.45 -35.76 16.90
C ARG C 170 -23.10 -36.79 17.81
N ALA C 171 -23.91 -37.67 17.24
CA ALA C 171 -24.58 -38.70 18.04
C ALA C 171 -23.57 -39.60 18.73
N GLU C 172 -22.44 -39.88 18.07
CA GLU C 172 -21.43 -40.74 18.68
C GLU C 172 -20.78 -40.06 19.88
N LEU C 173 -20.45 -38.77 19.75
CA LEU C 173 -19.82 -38.07 20.86
C LEU C 173 -20.82 -37.73 21.95
N GLU C 174 -22.02 -37.26 21.57
CA GLU C 174 -23.05 -36.97 22.55
C GLU C 174 -23.53 -38.22 23.28
N ALA C 175 -23.29 -39.41 22.72
CA ALA C 175 -23.54 -40.64 23.45
C ALA C 175 -22.57 -40.81 24.61
N LEU C 176 -21.41 -40.16 24.56
CA LEU C 176 -20.44 -40.22 25.64
C LEU C 176 -20.62 -39.10 26.65
N THR C 177 -21.03 -37.92 26.19
CA THR C 177 -21.17 -36.75 27.05
C THR C 177 -22.59 -36.51 27.52
N ASP C 178 -23.50 -37.45 27.25
CA ASP C 178 -24.89 -37.37 27.68
C ASP C 178 -25.57 -36.12 27.14
N LEU C 179 -25.45 -35.91 25.83
CA LEU C 179 -26.12 -34.82 25.13
C LEU C 179 -25.74 -33.45 25.71
N TRP C 180 -24.44 -33.24 25.91
CA TRP C 180 -23.99 -31.97 26.48
C TRP C 180 -24.25 -30.82 25.52
N LEU C 181 -23.83 -30.95 24.26
CA LEU C 181 -24.00 -29.87 23.30
C LEU C 181 -25.47 -29.57 23.07
N THR C 182 -26.32 -30.61 23.04
CA THR C 182 -27.75 -30.38 22.94
C THR C 182 -28.29 -29.70 24.19
N HIS C 183 -27.84 -30.13 25.36
CA HIS C 183 -28.20 -29.46 26.61
C HIS C 183 -27.66 -28.04 26.63
N SER C 184 -26.39 -27.87 26.21
CA SER C 184 -25.81 -26.53 26.15
C SER C 184 -26.54 -25.65 25.15
N LEU C 185 -27.13 -26.25 24.11
CA LEU C 185 -27.87 -25.48 23.13
C LEU C 185 -29.21 -24.99 23.66
N LYS C 186 -29.75 -25.61 24.71
CA LYS C 186 -31.04 -25.21 25.23
C LYS C 186 -30.98 -23.82 25.85
N ALA C 187 -29.97 -23.57 26.68
CA ALA C 187 -29.84 -22.24 27.30
C ALA C 187 -29.38 -21.20 26.28
N LEU C 188 -28.47 -21.58 25.38
CA LEU C 188 -28.02 -20.66 24.34
C LEU C 188 -29.18 -20.23 23.46
N ASN C 189 -30.03 -21.18 23.06
CA ASN C 189 -31.19 -20.84 22.24
C ASN C 189 -32.20 -20.01 23.04
N LEU C 190 -32.19 -20.13 24.36
CA LEU C 190 -33.14 -19.39 25.19
C LEU C 190 -32.73 -17.93 25.33
N ILE C 191 -31.42 -17.67 25.42
CA ILE C 191 -30.95 -16.28 25.51
C ILE C 191 -31.25 -15.53 24.23
N ASN C 192 -31.07 -16.19 23.07
CA ASN C 192 -31.33 -15.55 21.80
C ASN C 192 -32.81 -15.24 21.62
N SER C 193 -33.69 -16.09 22.16
CA SER C 193 -35.13 -15.84 22.07
C SER C 193 -35.54 -14.62 22.86
N ARG C 194 -34.86 -14.35 23.98
CA ARG C 194 -35.20 -13.19 24.79
C ARG C 194 -34.88 -11.92 24.00
N PRO C 195 -35.80 -10.94 23.95
CA PRO C 195 -35.55 -9.76 23.11
C PRO C 195 -34.41 -8.88 23.62
N ASN C 196 -34.28 -8.74 24.94
CA ASN C 196 -33.26 -7.86 25.48
C ASN C 196 -31.90 -8.52 25.57
N CYS C 197 -31.85 -9.84 25.70
CA CYS C 197 -30.61 -10.56 25.92
C CYS C 197 -29.95 -10.92 24.59
N VAL C 198 -28.62 -11.04 24.63
CA VAL C 198 -27.81 -11.40 23.48
C VAL C 198 -26.70 -12.33 23.94
N ASN C 199 -26.09 -13.03 22.99
CA ASN C 199 -25.02 -13.97 23.25
C ASN C 199 -23.72 -13.46 22.65
N VAL C 200 -22.61 -13.74 23.34
CA VAL C 200 -21.28 -13.43 22.85
C VAL C 200 -20.33 -14.53 23.31
N LEU C 201 -19.27 -14.77 22.52
CA LEU C 201 -18.37 -15.88 22.75
C LEU C 201 -16.94 -15.38 22.83
N VAL C 202 -16.24 -15.78 23.90
CA VAL C 202 -14.82 -15.51 24.07
C VAL C 202 -14.11 -16.86 24.14
N THR C 203 -13.17 -17.08 23.23
CA THR C 203 -12.45 -18.34 23.16
C THR C 203 -10.95 -18.07 23.02
N THR C 204 -10.16 -18.98 23.58
CA THR C 204 -8.70 -18.90 23.49
C THR C 204 -8.15 -19.54 22.23
N THR C 205 -9.01 -20.04 21.35
CA THR C 205 -8.58 -20.60 20.08
C THR C 205 -8.68 -19.55 18.98
N GLN C 206 -7.97 -19.79 17.89
CA GLN C 206 -7.97 -18.85 16.78
C GLN C 206 -9.37 -18.73 16.18
N LEU C 207 -9.64 -17.56 15.58
CA LEU C 207 -11.01 -17.19 15.25
C LEU C 207 -11.62 -18.12 14.21
N ILE C 208 -10.85 -18.51 13.19
CA ILE C 208 -11.41 -19.22 12.04
C ILE C 208 -11.68 -20.68 12.34
N PRO C 209 -10.77 -21.42 13.00
CA PRO C 209 -11.19 -22.75 13.51
C PRO C 209 -12.35 -22.67 14.47
N ALA C 210 -12.46 -21.60 15.25
CA ALA C 210 -13.63 -21.41 16.08
C ALA C 210 -14.88 -21.23 15.22
N LEU C 211 -14.76 -20.47 14.12
CA LEU C 211 -15.89 -20.29 13.22
C LEU C 211 -16.26 -21.60 12.53
N ALA C 212 -15.26 -22.42 12.20
CA ALA C 212 -15.53 -23.71 11.59
C ALA C 212 -16.29 -24.62 12.56
N LYS C 213 -15.86 -24.67 13.82
CA LYS C 213 -16.55 -25.48 14.81
C LYS C 213 -17.94 -24.94 15.09
N VAL C 214 -18.05 -23.63 15.35
CA VAL C 214 -19.35 -23.02 15.64
C VAL C 214 -20.31 -23.27 14.48
N LEU C 215 -19.83 -23.16 13.24
CA LEU C 215 -20.67 -23.45 12.08
C LEU C 215 -21.08 -24.92 12.08
N LEU C 216 -20.12 -25.82 12.16
CA LEU C 216 -20.42 -27.25 12.14
C LEU C 216 -21.25 -27.63 13.36
N TYR C 217 -20.70 -27.41 14.56
CA TYR C 217 -21.35 -27.85 15.80
C TYR C 217 -22.79 -27.36 15.94
N GLY C 218 -23.23 -26.41 15.12
CA GLY C 218 -24.58 -25.92 15.19
C GLY C 218 -24.80 -24.68 16.03
N LEU C 219 -23.73 -24.07 16.55
CA LEU C 219 -23.85 -22.89 17.39
C LEU C 219 -24.06 -21.61 16.59
N GLY C 220 -24.09 -21.68 15.25
CA GLY C 220 -24.24 -20.49 14.45
C GLY C 220 -25.60 -19.83 14.62
N SER C 221 -26.63 -20.60 14.97
CA SER C 221 -27.96 -20.03 15.12
C SER C 221 -28.02 -19.06 16.30
N VAL C 222 -27.33 -19.38 17.38
CA VAL C 222 -27.39 -18.58 18.61
C VAL C 222 -26.24 -17.59 18.73
N PHE C 223 -25.19 -17.73 17.92
CA PHE C 223 -24.04 -16.84 17.99
C PHE C 223 -23.95 -16.01 16.73
N PRO C 224 -24.20 -14.69 16.78
CA PRO C 224 -23.83 -13.83 15.65
C PRO C 224 -22.32 -13.86 15.47
N ILE C 225 -21.89 -14.04 14.22
CA ILE C 225 -20.46 -14.12 13.94
C ILE C 225 -19.76 -12.85 14.38
N GLU C 226 -20.49 -11.73 14.44
CA GLU C 226 -19.96 -10.48 14.96
C GLU C 226 -19.76 -10.51 16.47
N ASN C 227 -20.24 -11.56 17.16
CA ASN C 227 -20.14 -11.69 18.60
C ASN C 227 -19.20 -12.81 19.02
N ILE C 228 -18.10 -12.99 18.28
CA ILE C 228 -17.13 -14.04 18.54
C ILE C 228 -15.75 -13.41 18.59
N TYR C 229 -15.05 -13.59 19.72
CA TYR C 229 -13.77 -12.95 19.96
C TYR C 229 -12.71 -14.01 20.26
N SER C 230 -11.57 -13.91 19.58
CA SER C 230 -10.48 -14.85 19.78
C SER C 230 -9.48 -14.25 20.76
N ALA C 231 -9.29 -14.92 21.90
CA ALA C 231 -8.35 -14.50 22.92
C ALA C 231 -7.00 -15.22 22.81
N THR C 232 -6.60 -15.56 21.59
CA THR C 232 -5.36 -16.32 21.41
C THR C 232 -4.14 -15.47 21.74
N LYS C 233 -3.94 -14.38 21.02
CA LYS C 233 -2.76 -13.54 21.20
C LYS C 233 -3.02 -12.40 22.18
N THR C 234 -4.01 -11.55 21.88
CA THR C 234 -4.32 -10.41 22.74
C THR C 234 -4.56 -10.86 24.18
N GLY C 235 -5.14 -12.04 24.37
CA GLY C 235 -5.20 -12.66 25.66
C GLY C 235 -6.52 -12.47 26.37
N LYS C 236 -6.49 -12.77 27.67
CA LYS C 236 -7.65 -12.72 28.54
C LYS C 236 -7.71 -11.43 29.34
N GLU C 237 -7.31 -10.29 28.76
CA GLU C 237 -7.45 -9.00 29.44
C GLU C 237 -7.81 -7.86 28.50
N SER C 238 -8.63 -8.11 27.47
CA SER C 238 -8.95 -7.04 26.51
C SER C 238 -10.22 -7.23 25.69
N CYS C 239 -10.56 -8.47 25.35
CA CYS C 239 -11.65 -8.71 24.41
C CYS C 239 -13.00 -8.36 25.02
N PHE C 240 -13.33 -8.96 26.16
CA PHE C 240 -14.50 -8.58 26.93
C PHE C 240 -14.49 -7.09 27.29
N GLU C 241 -13.30 -6.51 27.43
CA GLU C 241 -13.21 -5.06 27.57
C GLU C 241 -13.62 -4.37 26.29
N ARG C 242 -13.19 -4.90 25.13
CA ARG C 242 -13.76 -4.49 23.86
C ARG C 242 -15.26 -4.77 23.81
N ILE C 243 -15.70 -5.86 24.45
CA ILE C 243 -17.12 -6.14 24.57
C ILE C 243 -17.78 -5.14 25.52
N MET C 244 -17.13 -4.84 26.64
CA MET C 244 -17.64 -3.84 27.57
C MET C 244 -17.85 -2.50 26.89
N GLN C 245 -16.90 -2.10 26.04
CA GLN C 245 -17.06 -0.87 25.27
C GLN C 245 -18.15 -1.03 24.21
N ARG C 246 -18.21 -2.20 23.58
CA ARG C 246 -19.16 -2.39 22.47
C ARG C 246 -20.60 -2.27 22.94
N PHE C 247 -20.97 -3.02 23.98
CA PHE C 247 -22.34 -3.00 24.47
C PHE C 247 -22.57 -1.96 25.55
N GLY C 248 -21.51 -1.35 26.08
CA GLY C 248 -21.67 -0.25 27.03
C GLY C 248 -21.69 -0.73 28.46
N ARG C 249 -21.22 0.15 29.35
CA ARG C 249 -21.26 -0.11 30.79
C ARG C 249 -22.68 -0.12 31.35
N LYS C 250 -23.66 0.30 30.57
CA LYS C 250 -25.04 0.37 31.04
C LYS C 250 -25.70 -1.01 31.11
N ALA C 251 -25.30 -1.93 30.25
CA ALA C 251 -25.91 -3.25 30.20
C ALA C 251 -25.30 -4.18 31.24
N VAL C 252 -26.11 -5.13 31.70
CA VAL C 252 -25.70 -6.11 32.70
C VAL C 252 -25.01 -7.27 32.01
N TYR C 253 -23.82 -7.62 32.48
CA TYR C 253 -22.99 -8.65 31.86
C TYR C 253 -22.87 -9.86 32.77
N VAL C 254 -23.05 -11.04 32.19
CA VAL C 254 -22.86 -12.31 32.90
C VAL C 254 -21.87 -13.14 32.11
N VAL C 255 -20.93 -13.77 32.81
CA VAL C 255 -19.91 -14.62 32.21
C VAL C 255 -20.26 -16.08 32.51
N ILE C 256 -20.30 -16.91 31.48
CA ILE C 256 -20.61 -18.32 31.61
C ILE C 256 -19.41 -19.10 31.09
N GLY C 257 -18.56 -19.57 32.00
CA GLY C 257 -17.35 -20.27 31.63
C GLY C 257 -17.15 -21.56 32.41
N ASP C 258 -15.90 -22.03 32.46
CA ASP C 258 -15.60 -23.30 33.13
C ASP C 258 -14.50 -23.16 34.17
N GLY C 259 -13.32 -22.71 33.77
CA GLY C 259 -12.15 -22.83 34.62
C GLY C 259 -11.54 -21.55 35.18
N VAL C 260 -10.37 -21.19 34.68
CA VAL C 260 -9.48 -20.23 35.34
C VAL C 260 -9.60 -18.83 34.77
N GLU C 261 -9.48 -18.70 33.44
CA GLU C 261 -9.33 -17.37 32.85
C GLU C 261 -10.59 -16.52 33.01
N GLU C 262 -11.76 -17.14 32.94
CA GLU C 262 -12.99 -16.38 33.07
C GLU C 262 -13.16 -15.80 34.47
N GLU C 263 -12.69 -16.50 35.50
CA GLU C 263 -12.82 -15.99 36.86
C GLU C 263 -12.04 -14.71 37.06
N GLN C 264 -10.83 -14.63 36.47
CA GLN C 264 -10.04 -13.41 36.59
C GLN C 264 -10.63 -12.27 35.77
N GLY C 265 -11.13 -12.59 34.57
CA GLY C 265 -11.75 -11.58 33.73
C GLY C 265 -13.11 -11.10 34.21
N ALA C 266 -13.82 -11.92 34.99
CA ALA C 266 -15.14 -11.56 35.49
C ALA C 266 -15.08 -10.80 36.81
N LYS C 267 -14.29 -11.29 37.77
CA LYS C 267 -14.23 -10.64 39.08
C LYS C 267 -13.50 -9.31 39.01
N LYS C 268 -12.39 -9.26 38.25
CA LYS C 268 -11.63 -8.02 38.13
C LYS C 268 -12.43 -6.93 37.43
N HIS C 269 -13.28 -7.31 36.47
CA HIS C 269 -14.13 -6.37 35.75
C HIS C 269 -15.52 -6.27 36.34
N ASN C 270 -15.71 -6.82 37.55
CA ASN C 270 -17.00 -6.78 38.26
C ASN C 270 -18.13 -7.37 37.42
N MET C 271 -17.90 -8.59 36.93
CA MET C 271 -18.91 -9.34 36.21
C MET C 271 -19.19 -10.64 36.94
N PRO C 272 -20.45 -10.96 37.24
CA PRO C 272 -20.76 -12.24 37.86
C PRO C 272 -20.38 -13.39 36.94
N PHE C 273 -19.72 -14.39 37.52
CA PHE C 273 -19.22 -15.54 36.78
C PHE C 273 -20.02 -16.78 37.16
N TRP C 274 -20.73 -17.34 36.18
CA TRP C 274 -21.45 -18.59 36.36
C TRP C 274 -20.54 -19.73 35.91
N ARG C 275 -20.12 -20.57 36.86
CA ARG C 275 -19.26 -21.71 36.55
C ARG C 275 -20.12 -22.88 36.11
N ILE C 276 -19.89 -23.35 34.89
CA ILE C 276 -20.57 -24.54 34.35
C ILE C 276 -19.52 -25.62 34.22
N SER C 277 -19.66 -26.69 34.99
CA SER C 277 -18.66 -27.74 35.04
C SER C 277 -19.23 -29.12 34.78
N CYS C 278 -20.41 -29.44 35.30
CA CYS C 278 -21.06 -30.71 35.05
C CYS C 278 -22.47 -30.46 34.55
N HIS C 279 -23.22 -31.56 34.35
CA HIS C 279 -24.54 -31.46 33.73
C HIS C 279 -25.54 -30.75 34.62
N ALA C 280 -25.38 -30.85 35.95
CA ALA C 280 -26.38 -30.30 36.86
C ALA C 280 -26.35 -28.78 36.88
N ASP C 281 -25.16 -28.18 36.80
CA ASP C 281 -25.05 -26.73 36.75
C ASP C 281 -25.81 -26.15 35.57
N LEU C 282 -25.53 -26.68 34.37
CA LEU C 282 -26.29 -26.29 33.19
C LEU C 282 -27.76 -26.62 33.36
N GLU C 283 -28.06 -27.75 34.01
CA GLU C 283 -29.45 -28.13 34.26
C GLU C 283 -30.13 -27.17 35.23
N ALA C 284 -29.36 -26.53 36.11
CA ALA C 284 -29.90 -25.60 37.09
C ALA C 284 -29.81 -24.14 36.67
N LEU C 285 -28.72 -23.75 36.00
CA LEU C 285 -28.61 -22.38 35.50
C LEU C 285 -29.75 -22.06 34.55
N ARG C 286 -30.17 -23.05 33.75
CA ARG C 286 -31.32 -22.86 32.86
C ARG C 286 -32.53 -22.35 33.63
N HIS C 287 -32.77 -22.90 34.82
CA HIS C 287 -33.92 -22.47 35.62
C HIS C 287 -33.87 -20.98 35.91
N ALA C 288 -32.68 -20.44 36.16
CA ALA C 288 -32.56 -19.01 36.43
C ALA C 288 -33.01 -18.18 35.24
N LEU C 289 -32.64 -18.59 34.03
CA LEU C 289 -33.10 -17.88 32.84
C LEU C 289 -34.59 -18.12 32.60
N GLU C 290 -35.07 -19.32 32.91
CA GLU C 290 -36.49 -19.62 32.76
C GLU C 290 -37.34 -18.82 33.74
N LEU C 291 -36.83 -18.55 34.94
CA LEU C 291 -37.54 -17.79 35.95
C LEU C 291 -37.13 -16.32 35.98
N GLU C 292 -36.42 -15.86 34.94
CA GLU C 292 -36.00 -14.46 34.80
C GLU C 292 -35.10 -13.99 35.93
N TYR C 293 -34.42 -14.92 36.61
CA TYR C 293 -33.42 -14.53 37.61
C TYR C 293 -32.16 -13.95 36.98
N LEU C 294 -32.02 -14.03 35.67
CA LEU C 294 -30.89 -13.44 34.96
C LEU C 294 -31.36 -12.56 33.82
C4 9FX D . 12.86 18.63 8.85
C14 9FX D . 6.50 28.92 7.10
C5 9FX D . 10.29 19.14 8.02
C6 9FX D . 9.22 18.56 8.66
C11 9FX D . 8.00 26.58 7.20
C7 9FX D . 8.25 19.54 8.85
C8 9FX D . 8.76 20.72 8.31
C9 9FX D . 8.19 22.03 8.20
C10 9FX D . 8.81 25.33 7.26
C12 9FX D . 8.59 27.78 6.82
C13 9FX D . 7.83 28.91 6.78
N1 9FX D . 13.93 17.83 8.91
N2 9FX D . 12.54 19.56 9.75
C3 9FX D . 13.37 19.69 10.79
N3 9FX D . 8.84 23.01 7.70
C1 9FX D . 14.73 18.00 9.96
C15 9FX D . 5.91 27.73 7.47
C16 9FX D . 6.65 26.57 7.53
C2 9FX D . 14.50 18.93 10.93
F1 9FX D . 8.41 30.08 6.41
N4 9FX D . 8.16 24.22 7.65
O1 9FX D . 10.04 20.48 7.81
O2 9FX D . 10.00 25.33 6.95
S1 9FX D . 11.79 18.43 7.47
C4 9FX E . 3.02 -7.45 -8.36
C14 9FX E . 14.98 -5.28 -9.08
C5 9FX E . 4.62 -6.73 -10.47
C6 9FX E . 4.43 -5.57 -11.17
C11 9FX E . 12.33 -6.11 -8.94
C7 9FX E . 5.69 -4.99 -11.37
C8 9FX E . 6.61 -5.80 -10.73
C9 9FX E . 8.05 -5.65 -10.61
C10 9FX E . 10.91 -6.55 -8.88
C12 9FX E . 13.23 -6.48 -7.95
C13 9FX E . 14.52 -6.05 -8.05
N1 9FX E . 2.00 -6.61 -8.20
N2 9FX E . 3.75 -7.97 -7.37
C3 9FX E . 3.42 -7.61 -6.13
N3 9FX E . 8.76 -6.39 -9.87
C1 9FX E . 1.71 -6.26 -6.94
C15 9FX E . 14.08 -4.91 -10.06
C16 9FX E . 12.76 -5.32 -10.00
C2 9FX E . 2.39 -6.75 -5.86
F1 9FX E . 15.40 -6.42 -7.08
N4 9FX E . 10.10 -6.08 -9.85
O1 9FX E . 5.96 -6.88 -10.15
O2 9FX E . 10.51 -7.29 -7.98
S1 9FX E . 3.45 -7.93 -10.00
C4 9FX F . -20.98 -35.53 31.12
C14 9FX F . -18.45 -31.16 19.90
C5 9FX F . -19.81 -33.24 30.14
C6 9FX F . -18.56 -32.92 30.59
C11 9FX F . -19.32 -31.92 22.43
C7 9FX F . -17.80 -32.52 29.48
C8 9FX F . -18.64 -32.60 28.38
C9 9FX F . -18.40 -32.27 26.99
C10 9FX F . -19.79 -32.32 23.79
C12 9FX F . -20.12 -32.17 21.32
C13 9FX F . -19.66 -31.78 20.10
N1 9FX F . -21.59 -36.17 32.12
N2 9FX F . -20.20 -36.09 30.20
C3 9FX F . -20.04 -37.42 30.30
N3 9FX F . -19.31 -32.44 26.10
C1 9FX F . -21.40 -37.49 32.19
C15 9FX F . -17.66 -30.91 21.01
C16 9FX F . -18.09 -31.28 22.28
C2 9FX F . -20.63 -38.16 31.29
F1 9FX F . -20.44 -32.02 19.01
N4 9FX F . -18.94 -32.08 24.82
O1 9FX F . -19.88 -33.08 28.77
O2 9FX F . -20.88 -32.85 23.95
S1 9FX F . -21.22 -33.78 31.04
#